data_9JFW
#
_entry.id   9JFW
#
_cell.length_a   1.00
_cell.length_b   1.00
_cell.length_c   1.00
_cell.angle_alpha   90.00
_cell.angle_beta   90.00
_cell.angle_gamma   90.00
#
_symmetry.space_group_name_H-M   'P 1'
#
loop_
_entity.id
_entity.type
_entity.pdbx_description
1 polymer 'Guanine nucleotide-binding protein G(s) subunit alpha isoforms short'
2 polymer 'Guanine nucleotide-binding protein G(I)/G(S)/G(T) subunit beta-1'
3 polymer 'Guanine nucleotide-binding protein G(I)/G(S)/G(O) subunit gamma-2'
4 polymer 'Nanobody 35'
5 polymer 'G-protein coupled receptor 4'
#
loop_
_entity_poly.entity_id
_entity_poly.type
_entity_poly.pdbx_seq_one_letter_code
_entity_poly.pdbx_strand_id
1 'polypeptide(L)'
;MDYKDDDDKGCLGNSKTEDQRNEEKAQREANKKIEKQLQKDKQVYRATHRLLLLGAGESGKNTIVKQMRILHVNGFNGEG
GEEDPQAARSNSDGEKATKVQDIKNNLKEAIETIVAAMSNLVPPVELANPENQFRVDYILSVMNVPDFDFPPEFYEHAKA
LWEDEGVRACYERSNEYQLIDCAQYFLDKIDVIKQADYVPSDQDLLRCRVLTSGIFETKFQVDKVNFHMFDVGAQRDERR
KWIQCFNDVTAIIFVVASSSYNMVIREDNQTNRLQAALKLFDSIWNNKWLRDTSVILFLNKQDLLAEKVLAGKSKIEDYF
PEFARYTTPEDATPEPGEDPRVTRAKYFIRDEFLRISTASGDGRHYCYPHFTCAVDTENIRRVFNDCRDIIQRMHLRQYE
LL
;
A
2 'polypeptide(L)'
;IGRARGFSELDQLRQEAEQLKNQIRDARKACADATLSQITNNIDPVGRIQMRTRRTLRGHLAKIYAMHWGTDSRLLVSAS
QDGKLIIWDSYTTNKVHAIPLRSSWVMTCAYAPSGNYVACGGLDNICSIYNLKTREGNVRVSRELAGHTGYLSCCRFLDD
NQIVTSSGDTTCALWDIETGQQTTTFTGHTGDVMSLSLAPDTRLFVSGACDASAKLWDVREGMCRQTFTGHESDINAICF
FPNGNAFATGSDDATCRLFDLRADQELMTYSHDNIICGITSVSFSKSGRLLLAGYDDFNCNVWDALKADRAGVLAGHDNR
VSCLGVTDDGMAVATGSWDSFLKIWN
;
B
3 'polypeptide(L)' MASNNTASIAQARKLVEQLKMEANIDRIKVSKAAADLMAYCEAHAKEDPLLTPVPASENPFREKKFFCAIL C
4 'polypeptide(L)'
;MKYLLPTAAAGLLLLAAQPAMAMQVQLQESGGGLVQPGGSLRLSCAASGFTFSNYKMNWVRQAPGKGLEWVSDISQSGAS
ISYTGSVKGRFTISRDNAKNTLYLQMNSLKPEDTAVYYCARCPAPFTRDCFDVTSTTYAYRGQGTQVTVSSHHHHHH
;
N
5 'polypeptide(L)'
;MGNHTWEGCHVDSRVDHLFPPSLYIFVIGVGLPTNCLALWAAYRQVQQRNELGVYLMNLSIADLLYICTLPLWVDYFLHH
DNWIHGPGSCKLFGFIFYTNIYISIAFLCCISVDRYLAVAHPLRFARLRRVKTAVAVSSVVWATELGANSAPLFHDELFR
DRYNHTFCFEKFPMEGWVAWMNLYRVFVGFLFPWALMLLSYRGILRAVRGSVSTERQEKAKIKRLALSLIAIVLVCFAPY
HVLLLSRSAIYLGRPWDCGFEERVFSAYHSSLAFTSLNCVADPILYCLVNEGARSDVAKALHNLLRFLASDKPQEMANAS
LTLETPLTSKRNSTAKAMTGSWAATPPSQGDQVQEFLEVLFQGPHHHHHHHHHH
;
R
#
# COMPACT_ATOMS: atom_id res chain seq x y z
N ASP A 19 -40.72 -16.60 -11.15
CA ASP A 19 -39.85 -17.25 -12.12
C ASP A 19 -38.40 -17.16 -11.70
N GLN A 20 -37.98 -15.97 -11.28
CA GLN A 20 -36.61 -15.74 -10.81
C GLN A 20 -36.45 -15.97 -9.31
N ARG A 21 -37.53 -16.35 -8.61
CA ARG A 21 -37.47 -16.47 -7.16
C ARG A 21 -36.48 -17.55 -6.74
N ASN A 22 -36.55 -18.72 -7.38
CA ASN A 22 -35.66 -19.82 -7.01
C ASN A 22 -34.20 -19.47 -7.28
N GLU A 23 -33.94 -18.85 -8.43
CA GLU A 23 -32.57 -18.46 -8.75
C GLU A 23 -32.04 -17.44 -7.75
N GLU A 24 -32.85 -16.44 -7.40
CA GLU A 24 -32.40 -15.43 -6.44
C GLU A 24 -32.17 -16.04 -5.07
N LYS A 25 -33.04 -16.95 -4.64
CA LYS A 25 -32.87 -17.59 -3.33
C LYS A 25 -31.59 -18.42 -3.30
N ALA A 26 -31.35 -19.21 -4.34
CA ALA A 26 -30.12 -20.01 -4.39
C ALA A 26 -28.89 -19.12 -4.43
N GLN A 27 -28.97 -18.01 -5.17
CA GLN A 27 -27.84 -17.09 -5.24
C GLN A 27 -27.55 -16.48 -3.87
N ARG A 28 -28.58 -16.08 -3.13
CA ARG A 28 -28.36 -15.49 -1.82
C ARG A 28 -27.80 -16.54 -0.85
N GLU A 29 -28.28 -17.78 -0.94
CA GLU A 29 -27.74 -18.84 -0.09
C GLU A 29 -26.26 -19.07 -0.37
N ALA A 30 -25.89 -19.13 -1.65
CA ALA A 30 -24.49 -19.30 -2.00
C ALA A 30 -23.65 -18.12 -1.53
N ASN A 31 -24.19 -16.90 -1.65
CA ASN A 31 -23.47 -15.72 -1.17
C ASN A 31 -23.26 -15.78 0.33
N LYS A 32 -24.26 -16.22 1.08
CA LYS A 32 -24.11 -16.34 2.53
C LYS A 32 -23.04 -17.36 2.90
N LYS A 33 -23.04 -18.51 2.22
CA LYS A 33 -22.02 -19.52 2.49
C LYS A 33 -20.62 -18.98 2.19
N ILE A 34 -20.47 -18.31 1.05
CA ILE A 34 -19.17 -17.75 0.69
C ILE A 34 -18.77 -16.66 1.68
N GLU A 35 -19.73 -15.90 2.18
CA GLU A 35 -19.42 -14.86 3.17
C GLU A 35 -18.91 -15.47 4.47
N LYS A 36 -19.53 -16.57 4.92
CA LYS A 36 -19.02 -17.26 6.11
C LYS A 36 -17.61 -17.76 5.89
N GLN A 37 -17.35 -18.37 4.72
CA GLN A 37 -16.00 -18.85 4.41
C GLN A 37 -15.00 -17.70 4.39
N LEU A 38 -15.41 -16.56 3.82
CA LEU A 38 -14.53 -15.41 3.75
C LEU A 38 -14.27 -14.79 5.12
N GLN A 39 -15.25 -14.85 6.02
CA GLN A 39 -15.02 -14.38 7.39
C GLN A 39 -13.99 -15.25 8.10
N LYS A 40 -14.13 -16.58 7.96
CA LYS A 40 -13.14 -17.47 8.55
C LYS A 40 -11.75 -17.22 7.95
N ASP A 41 -11.69 -17.02 6.63
CA ASP A 41 -10.43 -16.70 5.99
C ASP A 41 -9.88 -15.35 6.43
N LYS A 42 -10.76 -14.39 6.73
CA LYS A 42 -10.33 -13.11 7.28
C LYS A 42 -9.65 -13.31 8.62
N GLN A 43 -10.25 -14.11 9.50
CA GLN A 43 -9.63 -14.38 10.78
C GLN A 43 -8.27 -15.05 10.62
N VAL A 44 -8.21 -16.08 9.76
CA VAL A 44 -6.95 -16.80 9.59
C VAL A 44 -5.89 -15.93 8.90
N TYR A 45 -6.32 -14.99 8.06
CA TYR A 45 -5.38 -14.12 7.36
C TYR A 45 -4.79 -13.08 8.31
N ARG A 46 -5.63 -12.47 9.14
CA ARG A 46 -5.12 -11.50 10.11
C ARG A 46 -4.38 -12.18 11.25
N ALA A 47 -4.57 -13.48 11.45
CA ALA A 47 -3.88 -14.16 12.54
C ALA A 47 -2.40 -14.40 12.22
N THR A 48 -2.01 -14.33 10.95
CA THR A 48 -0.65 -14.67 10.53
C THR A 48 0.06 -13.46 9.94
N HIS A 49 1.38 -13.45 10.09
CA HIS A 49 2.24 -12.40 9.56
C HIS A 49 3.14 -12.97 8.47
N ARG A 50 3.38 -12.16 7.43
CA ARG A 50 4.14 -12.60 6.27
C ARG A 50 5.51 -11.93 6.27
N LEU A 51 6.53 -12.73 5.97
CA LEU A 51 7.91 -12.26 5.91
C LEU A 51 8.53 -12.65 4.58
N LEU A 52 9.42 -11.80 4.07
CA LEU A 52 10.16 -12.05 2.85
C LEU A 52 11.63 -12.23 3.19
N LEU A 53 12.20 -13.36 2.75
CA LEU A 53 13.60 -13.66 2.99
C LEU A 53 14.38 -13.34 1.71
N LEU A 54 15.25 -12.33 1.79
CA LEU A 54 16.02 -11.88 0.65
C LEU A 54 17.50 -11.86 1.03
N GLY A 55 18.35 -12.32 0.12
CA GLY A 55 19.78 -12.34 0.35
C GLY A 55 20.32 -13.74 0.57
N LYS A 61 21.24 -17.27 3.13
CA LYS A 61 19.84 -17.19 3.49
C LYS A 61 19.29 -18.57 3.83
N ASN A 62 20.01 -19.61 3.42
CA ASN A 62 19.56 -20.98 3.68
C ASN A 62 19.64 -21.32 5.17
N THR A 63 20.64 -20.79 5.88
CA THR A 63 20.78 -21.07 7.30
C THR A 63 19.59 -20.53 8.09
N ILE A 64 19.11 -19.34 7.74
CA ILE A 64 18.00 -18.73 8.47
C ILE A 64 16.74 -19.58 8.32
N VAL A 65 16.41 -19.95 7.09
CA VAL A 65 15.21 -20.75 6.86
C VAL A 65 15.36 -22.15 7.43
N LYS A 66 16.59 -22.69 7.42
CA LYS A 66 16.82 -24.00 8.02
C LYS A 66 16.58 -23.96 9.53
N GLN A 67 17.06 -22.92 10.21
CA GLN A 67 16.87 -22.79 11.64
C GLN A 67 15.48 -22.30 12.02
N MET A 68 14.71 -21.80 11.05
CA MET A 68 13.34 -21.40 11.34
C MET A 68 12.49 -22.58 11.78
N ARG A 69 12.64 -23.72 11.10
CA ARG A 69 11.87 -24.91 11.43
C ARG A 69 12.77 -26.11 11.66
N SER A 213 10.40 -24.45 -7.92
CA SER A 213 9.28 -23.58 -7.60
C SER A 213 9.75 -22.16 -7.29
N GLY A 214 8.93 -21.18 -7.67
CA GLY A 214 9.34 -19.79 -7.51
C GLY A 214 9.48 -19.37 -6.05
N ILE A 215 8.55 -19.79 -5.21
CA ILE A 215 8.53 -19.41 -3.81
C ILE A 215 8.52 -20.67 -2.95
N PHE A 216 9.41 -20.71 -1.96
CA PHE A 216 9.49 -21.81 -1.02
C PHE A 216 8.78 -21.41 0.27
N GLU A 217 7.61 -21.99 0.52
CA GLU A 217 6.85 -21.71 1.72
C GLU A 217 7.57 -22.25 2.96
N THR A 218 7.48 -21.49 4.05
CA THR A 218 8.04 -21.92 5.32
C THR A 218 7.13 -21.44 6.44
N LYS A 219 6.62 -22.38 7.23
CA LYS A 219 5.71 -22.08 8.34
C LYS A 219 6.38 -22.44 9.66
N PHE A 220 6.38 -21.50 10.59
CA PHE A 220 6.91 -21.75 11.92
C PHE A 220 6.11 -20.95 12.93
N GLN A 221 6.05 -21.45 14.15
CA GLN A 221 5.27 -20.86 15.22
C GLN A 221 6.18 -20.53 16.40
N VAL A 222 6.21 -19.25 16.79
CA VAL A 222 6.93 -18.80 17.97
C VAL A 222 5.99 -17.99 18.83
N ASP A 223 5.91 -18.35 20.11
CA ASP A 223 5.03 -17.69 21.08
C ASP A 223 3.58 -17.68 20.60
N LYS A 224 3.15 -18.80 20.02
CA LYS A 224 1.76 -19.01 19.61
C LYS A 224 1.31 -18.01 18.56
N VAL A 225 2.24 -17.49 17.76
CA VAL A 225 1.94 -16.60 16.66
C VAL A 225 2.48 -17.23 15.38
N ASN A 226 1.62 -17.34 14.36
CA ASN A 226 1.98 -17.99 13.12
C ASN A 226 2.68 -17.01 12.19
N PHE A 227 3.86 -17.38 11.72
CA PHE A 227 4.63 -16.58 10.78
C PHE A 227 4.73 -17.30 9.45
N HIS A 228 4.70 -16.53 8.37
CA HIS A 228 4.66 -17.06 7.00
C HIS A 228 5.83 -16.45 6.23
N MET A 229 6.98 -17.11 6.26
CA MET A 229 8.16 -16.61 5.57
C MET A 229 8.24 -17.17 4.15
N PHE A 230 8.65 -16.32 3.22
CA PHE A 230 8.60 -16.62 1.80
C PHE A 230 9.98 -16.38 1.18
N ASP A 231 10.47 -17.34 0.41
CA ASP A 231 11.80 -17.29 -0.15
C ASP A 231 11.68 -17.46 -1.66
N VAL A 232 12.29 -16.54 -2.40
CA VAL A 232 12.30 -16.62 -3.86
C VAL A 232 13.48 -17.46 -4.30
N GLY A 233 13.23 -18.52 -5.06
CA GLY A 233 14.27 -19.45 -5.41
C GLY A 233 14.31 -19.90 -6.86
N ALA A 234 13.39 -19.39 -7.69
CA ALA A 234 13.36 -19.79 -9.09
C ALA A 234 13.09 -18.60 -10.01
N GLN A 235 13.54 -17.41 -9.63
CA GLN A 235 13.32 -16.21 -10.43
C GLN A 235 14.66 -15.62 -10.86
N ARG A 236 14.58 -14.72 -11.85
CA ARG A 236 15.76 -14.15 -12.47
C ARG A 236 16.42 -13.13 -11.54
N ASP A 237 17.51 -12.53 -12.03
CA ASP A 237 18.23 -11.53 -11.25
C ASP A 237 17.45 -10.23 -11.12
N GLU A 238 16.62 -9.91 -12.12
CA GLU A 238 15.84 -8.69 -12.07
C GLU A 238 14.76 -8.80 -11.00
N ARG A 239 14.67 -7.78 -10.15
CA ARG A 239 13.69 -7.76 -9.07
C ARG A 239 12.81 -6.52 -9.04
N ARG A 240 12.95 -5.62 -10.02
CA ARG A 240 12.20 -4.36 -9.98
C ARG A 240 10.69 -4.55 -10.14
N LYS A 241 10.25 -5.75 -10.55
CA LYS A 241 8.83 -6.01 -10.77
C LYS A 241 8.20 -6.86 -9.68
N TRP A 242 8.77 -8.03 -9.37
CA TRP A 242 8.15 -8.93 -8.41
C TRP A 242 8.42 -8.54 -6.95
N ILE A 243 9.29 -7.56 -6.71
CA ILE A 243 9.49 -7.08 -5.34
C ILE A 243 8.34 -6.20 -4.89
N GLN A 244 7.55 -5.68 -5.83
CA GLN A 244 6.42 -4.84 -5.47
C GLN A 244 5.32 -5.62 -4.77
N CYS A 245 5.22 -6.93 -5.04
CA CYS A 245 4.19 -7.74 -4.41
C CYS A 245 4.44 -7.91 -2.92
N PHE A 246 5.69 -7.81 -2.49
CA PHE A 246 6.04 -7.99 -1.08
C PHE A 246 6.06 -6.64 -0.34
N ASN A 247 4.96 -5.90 -0.44
CA ASN A 247 4.83 -4.63 0.25
C ASN A 247 3.98 -4.71 1.51
N ASP A 248 3.02 -5.63 1.57
CA ASP A 248 2.19 -5.82 2.74
C ASP A 248 2.81 -6.74 3.77
N VAL A 249 4.00 -7.28 3.49
CA VAL A 249 4.66 -8.15 4.45
C VAL A 249 5.06 -7.35 5.68
N THR A 250 5.15 -8.04 6.82
CA THR A 250 5.52 -7.36 8.06
C THR A 250 6.93 -6.81 7.98
N ALA A 251 7.87 -7.58 7.43
CA ALA A 251 9.26 -7.14 7.33
C ALA A 251 9.94 -7.91 6.21
N ILE A 252 10.94 -7.27 5.60
CA ILE A 252 11.77 -7.89 4.58
C ILE A 252 13.09 -8.26 5.24
N ILE A 253 13.33 -9.56 5.43
CA ILE A 253 14.54 -10.03 6.08
C ILE A 253 15.67 -9.99 5.06
N PHE A 254 16.60 -9.05 5.25
CA PHE A 254 17.74 -8.88 4.35
C PHE A 254 18.95 -9.54 5.02
N VAL A 255 19.47 -10.58 4.40
CA VAL A 255 20.60 -11.35 4.94
C VAL A 255 21.83 -10.95 4.13
N VAL A 256 22.56 -9.96 4.63
CA VAL A 256 23.80 -9.54 4.01
C VAL A 256 24.91 -10.51 4.37
N ALA A 257 25.88 -10.66 3.46
CA ALA A 257 27.09 -11.41 3.80
C ALA A 257 27.95 -10.64 4.79
N SER A 258 28.43 -9.46 4.37
CA SER A 258 29.23 -8.59 5.24
C SER A 258 30.46 -9.30 5.78
N SER A 259 31.10 -10.10 4.93
CA SER A 259 32.30 -10.83 5.32
C SER A 259 33.45 -9.88 5.59
N ASN A 272 33.29 -8.07 -5.16
CA ASN A 272 32.90 -7.24 -4.03
C ASN A 272 31.41 -7.35 -3.77
N ARG A 273 31.01 -8.37 -3.01
CA ARG A 273 29.61 -8.58 -2.69
C ARG A 273 29.05 -7.49 -1.78
N LEU A 274 29.93 -6.82 -1.02
CA LEU A 274 29.47 -5.84 -0.04
C LEU A 274 28.73 -4.69 -0.71
N GLN A 275 29.27 -4.16 -1.80
CA GLN A 275 28.64 -3.02 -2.46
C GLN A 275 27.33 -3.42 -3.14
N ALA A 276 27.29 -4.62 -3.73
CA ALA A 276 26.07 -5.11 -4.33
C ALA A 276 24.97 -5.28 -3.28
N ALA A 277 25.31 -5.84 -2.12
CA ALA A 277 24.33 -5.94 -1.03
C ALA A 277 23.93 -4.56 -0.54
N LEU A 278 24.88 -3.64 -0.47
CA LEU A 278 24.59 -2.29 -0.01
C LEU A 278 23.54 -1.62 -0.89
N LYS A 279 23.71 -1.67 -2.21
CA LYS A 279 22.70 -1.04 -3.04
C LYS A 279 21.46 -1.89 -3.30
N LEU A 280 21.50 -3.20 -3.11
CA LEU A 280 20.24 -3.93 -3.02
C LEU A 280 19.42 -3.40 -1.85
N PHE A 281 20.08 -3.20 -0.70
CA PHE A 281 19.40 -2.61 0.44
C PHE A 281 18.93 -1.19 0.15
N ASP A 282 19.76 -0.39 -0.53
CA ASP A 282 19.36 0.98 -0.86
C ASP A 282 18.15 1.02 -1.79
N SER A 283 18.15 0.17 -2.82
CA SER A 283 17.03 0.12 -3.74
C SER A 283 15.76 -0.35 -3.04
N ILE A 284 15.89 -1.28 -2.10
CA ILE A 284 14.73 -1.67 -1.29
C ILE A 284 14.25 -0.48 -0.45
N TRP A 285 15.19 0.25 0.14
CA TRP A 285 14.86 1.34 1.04
C TRP A 285 14.12 2.47 0.32
N ASN A 286 14.62 2.86 -0.85
CA ASN A 286 14.10 4.02 -1.55
C ASN A 286 13.02 3.68 -2.58
N ASN A 287 12.58 2.42 -2.64
CA ASN A 287 11.46 2.08 -3.49
C ASN A 287 10.18 2.74 -2.97
N LYS A 288 9.38 3.25 -3.90
CA LYS A 288 8.17 3.97 -3.51
C LYS A 288 7.07 3.04 -3.01
N TRP A 289 7.23 1.73 -3.16
CA TRP A 289 6.27 0.77 -2.63
C TRP A 289 6.77 0.06 -1.38
N LEU A 290 8.08 0.04 -1.15
CA LEU A 290 8.66 -0.50 0.07
C LEU A 290 9.04 0.61 1.05
N ARG A 291 8.59 1.85 0.79
CA ARG A 291 8.89 2.98 1.65
C ARG A 291 8.15 2.90 2.99
N ASP A 292 7.20 1.99 3.14
CA ASP A 292 6.53 1.75 4.41
C ASP A 292 6.83 0.38 4.99
N THR A 293 7.57 -0.47 4.26
CA THR A 293 7.84 -1.83 4.70
C THR A 293 9.15 -1.86 5.47
N SER A 294 9.11 -2.37 6.71
CA SER A 294 10.30 -2.47 7.52
C SER A 294 11.23 -3.55 6.98
N VAL A 295 12.51 -3.43 7.32
CA VAL A 295 13.56 -4.32 6.86
C VAL A 295 14.37 -4.78 8.06
N ILE A 296 14.77 -6.04 8.06
CA ILE A 296 15.60 -6.62 9.12
C ILE A 296 16.93 -7.01 8.50
N LEU A 297 18.02 -6.49 9.05
CA LEU A 297 19.36 -6.75 8.58
C LEU A 297 20.04 -7.76 9.51
N PHE A 298 20.90 -8.61 8.93
CA PHE A 298 21.43 -9.72 9.71
C PHE A 298 22.95 -9.82 9.67
N LEU A 299 23.58 -9.41 8.57
CA LEU A 299 25.05 -9.44 8.44
C LEU A 299 25.59 -10.84 8.75
N ASN A 300 25.27 -11.76 7.84
CA ASN A 300 25.37 -13.19 8.13
C ASN A 300 26.80 -13.62 8.46
N LYS A 301 27.78 -13.14 7.72
CA LYS A 301 29.15 -13.65 7.87
C LYS A 301 29.82 -12.99 9.07
N GLN A 302 30.26 -13.81 10.02
CA GLN A 302 31.04 -13.31 11.16
C GLN A 302 32.33 -14.08 11.37
N ASP A 303 32.32 -15.41 11.18
CA ASP A 303 33.54 -16.19 11.40
C ASP A 303 34.58 -15.89 10.32
N LEU A 304 34.16 -15.91 9.05
CA LEU A 304 35.07 -15.55 7.97
C LEU A 304 35.42 -14.06 7.99
N LEU A 305 34.52 -13.22 8.51
CA LEU A 305 34.89 -11.82 8.74
C LEU A 305 36.03 -11.70 9.74
N ALA A 306 35.93 -12.46 10.84
CA ALA A 306 37.00 -12.46 11.85
C ALA A 306 38.30 -12.98 11.25
N GLU A 307 38.22 -14.05 10.46
CA GLU A 307 39.44 -14.58 9.82
C GLU A 307 40.04 -13.56 8.86
N LYS A 308 39.21 -12.88 8.07
CA LYS A 308 39.70 -11.92 7.10
C LYS A 308 40.31 -10.70 7.77
N VAL A 309 39.77 -10.28 8.91
CA VAL A 309 40.39 -9.13 9.59
C VAL A 309 41.62 -9.56 10.38
N LEU A 310 41.68 -10.81 10.82
CA LEU A 310 42.85 -11.29 11.56
C LEU A 310 44.05 -11.51 10.64
N ALA A 311 43.82 -12.08 9.46
CA ALA A 311 44.93 -12.39 8.56
C ALA A 311 44.61 -11.99 7.12
N GLY A 312 45.44 -12.40 6.19
CA GLY A 312 45.21 -12.09 4.80
C GLY A 312 45.68 -10.69 4.40
N LYS A 313 45.18 -10.25 3.24
CA LYS A 313 45.59 -8.99 2.65
C LYS A 313 44.79 -7.80 3.16
N SER A 314 43.83 -8.03 4.05
CA SER A 314 42.98 -6.96 4.61
C SER A 314 42.25 -6.21 3.50
N LYS A 315 41.39 -6.95 2.79
CA LYS A 315 40.60 -6.37 1.71
C LYS A 315 39.59 -5.35 2.22
N ILE A 316 39.31 -5.35 3.53
CA ILE A 316 38.28 -4.47 4.08
C ILE A 316 38.65 -3.00 3.86
N GLU A 317 39.92 -2.67 3.97
CA GLU A 317 40.37 -1.30 3.77
C GLU A 317 40.65 -0.98 2.31
N ASP A 318 40.98 -1.98 1.49
CA ASP A 318 41.27 -1.73 0.09
C ASP A 318 40.04 -1.24 -0.66
N TYR A 319 38.91 -1.92 -0.49
CA TYR A 319 37.66 -1.53 -1.14
C TYR A 319 36.80 -0.64 -0.26
N PHE A 320 37.29 -0.26 0.92
CA PHE A 320 36.61 0.71 1.78
C PHE A 320 37.67 1.50 2.52
N PRO A 321 38.24 2.52 1.88
CA PRO A 321 39.34 3.27 2.51
C PRO A 321 38.95 4.02 3.77
N GLU A 322 37.66 4.31 3.98
CA GLU A 322 37.25 5.02 5.18
C GLU A 322 37.45 4.20 6.45
N PHE A 323 37.72 2.90 6.33
CA PHE A 323 37.94 2.07 7.52
C PHE A 323 39.18 2.52 8.29
N ALA A 324 40.15 3.13 7.61
CA ALA A 324 41.35 3.61 8.30
C ALA A 324 41.01 4.71 9.29
N ARG A 325 40.14 5.64 8.89
CA ARG A 325 39.74 6.70 9.81
C ARG A 325 38.77 6.19 10.87
N TYR A 326 37.85 5.30 10.48
CA TYR A 326 36.83 4.81 11.39
C TYR A 326 37.43 3.92 12.46
N THR A 327 36.93 4.07 13.69
CA THR A 327 37.37 3.29 14.83
C THR A 327 36.16 2.67 15.52
N THR A 328 36.41 1.87 16.56
CA THR A 328 35.33 1.17 17.24
C THR A 328 34.40 2.18 17.91
N PRO A 329 33.10 2.11 17.67
CA PRO A 329 32.18 3.05 18.32
C PRO A 329 31.98 2.74 19.79
N GLU A 330 31.66 3.78 20.56
CA GLU A 330 31.43 3.60 21.98
C GLU A 330 30.10 2.91 22.26
N ASP A 331 29.11 3.09 21.37
CA ASP A 331 27.82 2.42 21.54
C ASP A 331 27.96 0.91 21.41
N ALA A 332 29.02 0.45 20.74
CA ALA A 332 29.22 -0.98 20.55
C ALA A 332 29.42 -1.69 21.88
N THR A 333 28.78 -2.85 22.03
CA THR A 333 28.92 -3.68 23.21
C THR A 333 29.65 -4.96 22.84
N PRO A 334 30.95 -5.07 23.13
CA PRO A 334 31.74 -6.24 22.69
C PRO A 334 31.52 -7.48 23.55
N GLU A 335 30.36 -8.13 23.34
CA GLU A 335 30.08 -9.38 24.03
C GLU A 335 31.10 -10.46 23.71
N PRO A 336 31.48 -10.71 22.44
CA PRO A 336 32.62 -11.60 22.18
C PRO A 336 33.93 -10.84 22.34
N GLY A 337 34.69 -11.18 23.38
CA GLY A 337 35.93 -10.49 23.66
C GLY A 337 37.06 -10.86 22.74
N GLU A 338 36.86 -10.63 21.44
CA GLU A 338 37.89 -10.93 20.44
C GLU A 338 38.76 -9.70 20.21
N ASP A 339 39.57 -9.73 19.15
CA ASP A 339 40.41 -8.60 18.82
C ASP A 339 39.55 -7.39 18.43
N PRO A 340 40.03 -6.18 18.66
CA PRO A 340 39.24 -4.99 18.29
C PRO A 340 39.03 -4.85 16.79
N ARG A 341 39.85 -5.48 15.96
CA ARG A 341 39.75 -5.29 14.52
C ARG A 341 38.44 -5.84 13.97
N VAL A 342 38.04 -7.05 14.40
CA VAL A 342 36.79 -7.63 13.91
C VAL A 342 35.60 -6.78 14.34
N THR A 343 35.62 -6.31 15.59
CA THR A 343 34.52 -5.49 16.08
C THR A 343 34.43 -4.18 15.30
N ARG A 344 35.57 -3.52 15.07
CA ARG A 344 35.52 -2.24 14.38
C ARG A 344 35.09 -2.42 12.92
N ALA A 345 35.55 -3.49 12.26
CA ALA A 345 35.10 -3.75 10.89
C ALA A 345 33.61 -4.05 10.84
N LYS A 346 33.13 -4.87 11.79
CA LYS A 346 31.71 -5.23 11.84
C LYS A 346 30.85 -3.99 12.02
N TYR A 347 31.20 -3.14 12.98
CA TYR A 347 30.41 -1.93 13.20
C TYR A 347 30.64 -0.91 12.10
N PHE A 348 31.76 -0.98 11.38
CA PHE A 348 31.94 -0.13 10.21
C PHE A 348 30.93 -0.50 9.12
N ILE A 349 30.77 -1.79 8.87
CA ILE A 349 29.76 -2.24 7.90
C ILE A 349 28.36 -1.87 8.41
N ARG A 350 28.13 -2.03 9.70
CA ARG A 350 26.82 -1.70 10.27
C ARG A 350 26.50 -0.23 10.08
N ASP A 351 27.46 0.65 10.32
CA ASP A 351 27.24 2.08 10.14
C ASP A 351 27.17 2.46 8.67
N GLU A 352 27.85 1.72 7.80
CA GLU A 352 27.69 1.94 6.36
C GLU A 352 26.26 1.66 5.93
N PHE A 353 25.65 0.61 6.48
CA PHE A 353 24.25 0.34 6.19
C PHE A 353 23.34 1.38 6.84
N LEU A 354 23.63 1.78 8.08
CA LEU A 354 22.79 2.74 8.77
C LEU A 354 22.88 4.15 8.19
N ARG A 355 23.96 4.46 7.46
CA ARG A 355 24.07 5.77 6.83
C ARG A 355 22.95 5.98 5.82
N ILE A 356 22.66 4.97 5.00
CA ILE A 356 21.55 5.06 4.06
C ILE A 356 20.23 4.68 4.72
N SER A 357 20.26 3.87 5.79
CA SER A 357 19.02 3.58 6.51
C SER A 357 18.43 4.85 7.12
N THR A 358 19.25 5.62 7.82
CA THR A 358 18.76 6.83 8.48
C THR A 358 18.46 7.94 7.49
N ALA A 359 19.36 8.15 6.53
CA ALA A 359 19.15 9.20 5.53
C ALA A 359 17.93 8.87 4.68
N SER A 360 17.07 9.87 4.48
CA SER A 360 15.79 9.68 3.78
C SER A 360 14.96 8.58 4.42
N GLY A 361 15.00 8.51 5.75
CA GLY A 361 14.27 7.50 6.47
C GLY A 361 13.63 8.00 7.75
N ASP A 362 12.33 7.82 7.88
CA ASP A 362 11.60 8.24 9.08
C ASP A 362 10.77 7.08 9.61
N GLY A 363 9.84 7.37 10.53
CA GLY A 363 9.08 6.37 11.24
C GLY A 363 8.37 5.29 10.43
N ARG A 364 8.37 5.44 9.10
CA ARG A 364 7.75 4.41 8.26
C ARG A 364 8.43 3.06 8.45
N HIS A 365 9.76 3.05 8.47
CA HIS A 365 10.52 1.85 8.78
C HIS A 365 11.72 2.24 9.64
N TYR A 366 12.46 1.23 10.09
CA TYR A 366 13.57 1.47 11.01
C TYR A 366 14.86 0.74 10.64
N CYS A 367 14.81 -0.35 9.87
CA CYS A 367 15.99 -1.14 9.51
C CYS A 367 16.71 -1.65 10.77
N TYR A 368 16.01 -2.54 11.47
CA TYR A 368 16.55 -3.16 12.67
C TYR A 368 17.83 -3.92 12.33
N PRO A 369 18.99 -3.50 12.83
CA PRO A 369 20.24 -4.20 12.53
C PRO A 369 20.58 -5.26 13.55
N HIS A 370 21.04 -6.40 13.05
CA HIS A 370 21.42 -7.53 13.91
C HIS A 370 22.67 -8.18 13.34
N PHE A 371 23.39 -8.90 14.21
CA PHE A 371 24.54 -9.70 13.83
C PHE A 371 24.22 -11.17 14.03
N THR A 372 24.38 -11.97 12.98
CA THR A 372 24.06 -13.38 13.03
C THR A 372 25.20 -14.19 12.42
N CYS A 373 25.11 -15.51 12.54
CA CYS A 373 26.07 -16.44 11.97
C CYS A 373 25.43 -17.82 11.96
N ALA A 374 26.21 -18.81 11.54
CA ALA A 374 25.69 -20.18 11.47
C ALA A 374 25.36 -20.72 12.86
N VAL A 375 26.21 -20.44 13.85
CA VAL A 375 26.02 -20.98 15.19
C VAL A 375 24.87 -20.32 15.94
N ASP A 376 24.34 -19.22 15.44
CA ASP A 376 23.23 -18.55 16.13
C ASP A 376 21.95 -19.36 15.98
N THR A 377 21.27 -19.60 17.11
CA THR A 377 20.02 -20.35 17.13
C THR A 377 18.89 -19.53 17.74
N GLU A 378 18.91 -18.22 17.54
CA GLU A 378 17.90 -17.35 18.14
C GLU A 378 17.38 -16.29 17.19
N ASN A 379 17.63 -16.43 15.88
CA ASN A 379 17.10 -15.47 14.92
C ASN A 379 15.58 -15.46 14.90
N ILE A 380 14.95 -16.56 15.29
CA ILE A 380 13.49 -16.60 15.38
C ILE A 380 13.00 -15.56 16.36
N ARG A 381 13.63 -15.51 17.54
CA ARG A 381 13.24 -14.53 18.55
C ARG A 381 13.50 -13.11 18.10
N ARG A 382 14.61 -12.89 17.39
CA ARG A 382 14.92 -11.55 16.90
C ARG A 382 13.88 -11.06 15.90
N VAL A 383 13.52 -11.92 14.94
CA VAL A 383 12.49 -11.56 13.97
C VAL A 383 11.14 -11.38 14.65
N PHE A 384 10.86 -12.21 15.67
CA PHE A 384 9.59 -12.09 16.39
C PHE A 384 9.50 -10.75 17.12
N ASN A 385 10.59 -10.35 17.79
CA ASN A 385 10.60 -9.06 18.48
C ASN A 385 10.53 -7.90 17.50
N ASP A 386 11.20 -8.04 16.36
CA ASP A 386 11.12 -7.01 15.33
C ASP A 386 9.69 -6.84 14.83
N CYS A 387 9.00 -7.97 14.60
CA CYS A 387 7.60 -7.91 14.17
C CYS A 387 6.73 -7.31 15.26
N ARG A 388 7.01 -7.64 16.53
CA ARG A 388 6.27 -7.05 17.63
C ARG A 388 6.41 -5.52 17.61
N ASP A 389 7.63 -5.03 17.43
CA ASP A 389 7.84 -3.58 17.35
C ASP A 389 7.13 -2.97 16.14
N ILE A 390 7.17 -3.67 15.00
CA ILE A 390 6.53 -3.14 13.79
C ILE A 390 5.03 -3.00 14.00
N ILE A 391 4.39 -4.05 14.51
CA ILE A 391 2.96 -4.00 14.73
C ILE A 391 2.62 -3.02 15.86
N GLN A 392 3.51 -2.85 16.84
CA GLN A 392 3.30 -1.83 17.85
C GLN A 392 3.25 -0.44 17.24
N ARG A 393 4.19 -0.15 16.33
CA ARG A 393 4.18 1.15 15.65
C ARG A 393 2.95 1.31 14.78
N MET A 394 2.55 0.24 14.07
CA MET A 394 1.35 0.33 13.26
C MET A 394 0.10 0.58 14.10
N HIS A 395 0.01 -0.08 15.26
CA HIS A 395 -1.11 0.16 16.16
C HIS A 395 -1.09 1.57 16.71
N LEU A 396 0.10 2.09 17.03
CA LEU A 396 0.21 3.47 17.49
C LEU A 396 -0.28 4.44 16.42
N ARG A 397 0.10 4.19 15.16
CA ARG A 397 -0.37 5.06 14.08
C ARG A 397 -1.86 4.89 13.80
N GLN A 398 -2.41 3.70 14.06
CA GLN A 398 -3.77 3.39 13.66
C GLN A 398 -4.80 3.73 14.73
N TYR A 399 -4.42 3.70 16.01
CA TYR A 399 -5.34 4.01 17.11
C TYR A 399 -5.09 5.40 17.68
N GLU A 400 -4.53 6.31 16.89
CA GLU A 400 -4.38 7.72 17.25
C GLU A 400 -3.69 7.88 18.60
N LEU A 401 -2.64 7.10 18.81
CA LEU A 401 -1.87 7.13 20.06
C LEU A 401 -0.47 7.68 19.84
N LEU A 402 -0.31 8.58 18.86
CA LEU A 402 0.98 9.13 18.52
C LEU A 402 0.99 10.65 18.65
N GLU B 9 32.53 -12.21 -37.79
CA GLU B 9 33.19 -11.51 -36.69
C GLU B 9 32.13 -10.83 -35.81
N LEU B 10 32.36 -10.84 -34.50
CA LEU B 10 31.40 -10.27 -33.56
C LEU B 10 31.15 -8.79 -33.84
N ASP B 11 32.23 -8.04 -34.07
CA ASP B 11 32.08 -6.63 -34.43
C ASP B 11 31.34 -6.50 -35.76
N GLN B 12 31.61 -7.38 -36.71
CA GLN B 12 30.87 -7.39 -37.96
C GLN B 12 29.40 -7.71 -37.73
N LEU B 13 29.11 -8.62 -36.78
CA LEU B 13 27.73 -8.92 -36.45
C LEU B 13 27.02 -7.71 -35.88
N ARG B 14 27.68 -6.97 -34.98
CA ARG B 14 27.09 -5.75 -34.44
C ARG B 14 26.91 -4.71 -35.54
N GLN B 15 27.84 -4.63 -36.48
CA GLN B 15 27.72 -3.68 -37.59
C GLN B 15 26.52 -4.03 -38.46
N GLU B 16 26.33 -5.31 -38.75
CA GLU B 16 25.15 -5.73 -39.53
C GLU B 16 23.87 -5.42 -38.77
N ALA B 17 23.87 -5.66 -37.46
CA ALA B 17 22.69 -5.37 -36.66
C ALA B 17 22.35 -3.88 -36.69
N GLU B 18 23.36 -3.03 -36.56
CA GLU B 18 23.09 -1.59 -36.53
C GLU B 18 22.72 -1.08 -37.93
N GLN B 19 23.27 -1.67 -38.99
CA GLN B 19 22.86 -1.30 -40.33
C GLN B 19 21.40 -1.68 -40.58
N LEU B 20 20.99 -2.87 -40.14
CA LEU B 20 19.59 -3.26 -40.29
C LEU B 20 18.69 -2.37 -39.45
N LYS B 21 19.13 -2.00 -38.24
CA LYS B 21 18.36 -1.09 -37.42
C LYS B 21 18.18 0.26 -38.09
N ASN B 22 19.25 0.78 -38.70
CA ASN B 22 19.16 2.05 -39.42
C ASN B 22 18.23 1.93 -40.62
N GLN B 23 18.28 0.80 -41.33
CA GLN B 23 17.40 0.61 -42.48
C GLN B 23 15.93 0.59 -42.06
N ILE B 24 15.62 -0.14 -40.99
CA ILE B 24 14.22 -0.19 -40.54
C ILE B 24 13.79 1.15 -39.99
N ARG B 25 14.69 1.90 -39.34
CA ARG B 25 14.35 3.23 -38.86
C ARG B 25 14.06 4.17 -40.03
N ASP B 26 14.86 4.08 -41.10
CA ASP B 26 14.61 4.89 -42.28
C ASP B 26 13.29 4.53 -42.94
N ALA B 27 12.97 3.23 -43.00
CA ALA B 27 11.68 2.82 -43.55
C ALA B 27 10.53 3.36 -42.71
N ARG B 28 10.66 3.28 -41.38
CA ARG B 28 9.61 3.80 -40.50
C ARG B 28 9.44 5.30 -40.67
N LYS B 29 10.56 6.03 -40.83
CA LYS B 29 10.48 7.46 -41.08
C LYS B 29 9.79 7.74 -42.41
N ALA B 30 10.10 6.95 -43.44
CA ALA B 30 9.43 7.13 -44.72
C ALA B 30 7.95 6.80 -44.65
N CYS B 31 7.55 5.94 -43.71
CA CYS B 31 6.15 5.58 -43.56
C CYS B 31 5.38 6.56 -42.68
N ALA B 32 6.03 7.58 -42.15
CA ALA B 32 5.37 8.57 -41.30
C ALA B 32 4.95 9.78 -42.14
N ASP B 33 3.95 9.54 -43.00
CA ASP B 33 3.46 10.60 -43.88
C ASP B 33 2.86 11.75 -43.08
N ALA B 34 2.06 11.44 -42.07
CA ALA B 34 1.43 12.47 -41.25
C ALA B 34 1.20 11.93 -39.85
N THR B 35 1.04 12.85 -38.90
CA THR B 35 0.83 12.51 -37.51
C THR B 35 -0.65 12.30 -37.22
N LEU B 36 -0.93 11.65 -36.08
CA LEU B 36 -2.31 11.43 -35.68
C LEU B 36 -3.02 12.73 -35.33
N SER B 37 -2.29 13.70 -34.77
CA SER B 37 -2.91 14.97 -34.41
C SER B 37 -3.46 15.71 -35.62
N GLN B 38 -2.69 15.71 -36.73
CA GLN B 38 -3.12 16.44 -37.92
C GLN B 38 -4.41 15.85 -38.49
N ILE B 39 -4.53 14.52 -38.48
CA ILE B 39 -5.71 13.87 -39.05
C ILE B 39 -6.84 13.78 -38.03
N THR B 40 -6.60 14.11 -36.76
CA THR B 40 -7.61 13.96 -35.72
C THR B 40 -8.12 15.27 -35.15
N ASN B 41 -7.43 16.39 -35.37
CA ASN B 41 -7.85 17.65 -34.76
C ASN B 41 -9.21 18.12 -35.24
N ASN B 42 -9.68 17.64 -36.39
CA ASN B 42 -10.93 18.14 -36.95
C ASN B 42 -12.16 17.60 -36.26
N ILE B 43 -12.05 16.48 -35.53
CA ILE B 43 -13.23 15.84 -34.98
C ILE B 43 -13.57 16.44 -33.62
N ASP B 44 -14.82 16.24 -33.20
CA ASP B 44 -15.30 16.80 -31.94
C ASP B 44 -14.64 16.09 -30.77
N PRO B 45 -14.15 16.82 -29.76
CA PRO B 45 -13.67 16.15 -28.55
C PRO B 45 -14.78 15.44 -27.82
N VAL B 46 -14.41 14.35 -27.13
CA VAL B 46 -15.40 13.51 -26.48
C VAL B 46 -16.03 14.18 -25.27
N GLY B 47 -15.41 15.25 -24.75
CA GLY B 47 -15.96 15.94 -23.60
C GLY B 47 -15.65 15.23 -22.30
N ARG B 48 -16.12 15.82 -21.21
CA ARG B 48 -15.89 15.28 -19.87
C ARG B 48 -16.73 14.02 -19.69
N ILE B 49 -16.08 12.88 -19.53
CA ILE B 49 -16.75 11.61 -19.32
C ILE B 49 -16.64 11.29 -17.83
N GLN B 50 -17.71 11.56 -17.08
CA GLN B 50 -17.74 11.33 -15.64
C GLN B 50 -18.67 10.16 -15.37
N MET B 51 -18.11 9.08 -14.83
CA MET B 51 -18.87 7.91 -14.42
C MET B 51 -18.69 7.71 -12.91
N ARG B 52 -19.78 7.38 -12.24
CA ARG B 52 -19.76 7.20 -10.80
C ARG B 52 -19.55 5.73 -10.45
N THR B 53 -19.25 5.48 -9.18
CA THR B 53 -19.07 4.11 -8.70
C THR B 53 -20.43 3.44 -8.61
N ARG B 54 -20.82 2.71 -9.66
CA ARG B 54 -22.13 2.07 -9.68
C ARG B 54 -22.22 0.89 -8.75
N ARG B 55 -21.08 0.29 -8.37
CA ARG B 55 -21.08 -0.85 -7.48
C ARG B 55 -19.69 -1.01 -6.89
N THR B 56 -19.63 -1.42 -5.63
CA THR B 56 -18.39 -1.74 -4.96
C THR B 56 -18.42 -3.19 -4.49
N LEU B 57 -17.37 -3.93 -4.79
CA LEU B 57 -17.29 -5.35 -4.46
C LEU B 57 -16.27 -5.53 -3.34
N ARG B 58 -16.77 -5.88 -2.15
CA ARG B 58 -15.93 -6.09 -0.98
C ARG B 58 -15.89 -7.57 -0.63
N GLY B 59 -14.78 -7.98 -0.03
CA GLY B 59 -14.59 -9.38 0.34
C GLY B 59 -13.16 -9.85 0.16
N HIS B 60 -12.35 -9.03 -0.50
CA HIS B 60 -10.93 -9.34 -0.67
C HIS B 60 -10.14 -8.81 0.52
N LEU B 61 -9.10 -9.55 0.90
CA LEU B 61 -8.32 -9.20 2.08
C LEU B 61 -7.03 -8.46 1.75
N ALA B 62 -6.41 -8.74 0.61
CA ALA B 62 -5.14 -8.11 0.26
C ALA B 62 -5.28 -7.31 -1.04
N LYS B 63 -4.16 -6.80 -1.54
CA LYS B 63 -4.18 -6.01 -2.76
C LYS B 63 -4.59 -6.88 -3.94
N ILE B 64 -5.39 -6.30 -4.83
CA ILE B 64 -5.96 -7.03 -5.96
C ILE B 64 -5.04 -6.86 -7.16
N TYR B 65 -4.34 -7.93 -7.53
CA TYR B 65 -3.37 -7.85 -8.62
C TYR B 65 -3.95 -8.23 -9.97
N ALA B 66 -5.12 -8.84 -10.02
CA ALA B 66 -5.69 -9.25 -11.30
C ALA B 66 -7.20 -9.34 -11.19
N MET B 67 -7.86 -9.16 -12.33
CA MET B 67 -9.29 -9.41 -12.46
C MET B 67 -9.56 -9.69 -13.93
N HIS B 68 -10.70 -10.30 -14.21
CA HIS B 68 -11.09 -10.55 -15.59
C HIS B 68 -12.60 -10.62 -15.69
N TRP B 69 -13.10 -10.38 -16.90
CA TRP B 69 -14.51 -10.42 -17.21
C TRP B 69 -14.86 -11.69 -17.96
N GLY B 70 -16.10 -12.15 -17.77
CA GLY B 70 -16.63 -13.22 -18.57
C GLY B 70 -17.15 -12.71 -19.91
N THR B 71 -17.40 -13.66 -20.82
CA THR B 71 -17.94 -13.29 -22.12
C THR B 71 -19.33 -12.68 -22.00
N ASP B 72 -20.11 -13.14 -21.01
CA ASP B 72 -21.46 -12.62 -20.80
C ASP B 72 -21.47 -11.19 -20.27
N SER B 73 -20.32 -10.65 -19.87
CA SER B 73 -20.21 -9.32 -19.27
C SER B 73 -21.00 -9.22 -17.97
N ARG B 74 -21.23 -10.36 -17.31
CA ARG B 74 -22.10 -10.43 -16.15
C ARG B 74 -21.40 -11.13 -15.00
N LEU B 75 -20.49 -12.05 -15.33
CA LEU B 75 -19.70 -12.76 -14.33
C LEU B 75 -18.28 -12.19 -14.29
N LEU B 76 -17.76 -12.04 -13.08
CA LEU B 76 -16.48 -11.38 -12.87
C LEU B 76 -15.61 -12.21 -11.94
N VAL B 77 -14.35 -12.40 -12.31
CA VAL B 77 -13.38 -13.14 -11.51
C VAL B 77 -12.27 -12.17 -11.09
N SER B 78 -11.90 -12.23 -9.82
CA SER B 78 -10.89 -11.34 -9.26
C SER B 78 -9.85 -12.15 -8.51
N ALA B 79 -8.58 -11.79 -8.70
CA ALA B 79 -7.46 -12.45 -8.03
C ALA B 79 -6.78 -11.45 -7.10
N SER B 80 -6.54 -11.87 -5.86
CA SER B 80 -5.89 -11.03 -4.87
C SER B 80 -4.85 -11.85 -4.14
N GLN B 81 -4.06 -11.16 -3.30
CA GLN B 81 -2.89 -11.78 -2.69
C GLN B 81 -3.20 -12.59 -1.44
N ASP B 82 -4.47 -12.66 -1.03
CA ASP B 82 -4.86 -13.52 0.09
C ASP B 82 -5.03 -14.98 -0.32
N GLY B 83 -4.57 -15.35 -1.50
CA GLY B 83 -4.77 -16.70 -2.00
C GLY B 83 -6.21 -17.02 -2.29
N LYS B 84 -6.95 -16.10 -2.90
CA LYS B 84 -8.37 -16.25 -3.13
C LYS B 84 -8.71 -15.86 -4.56
N LEU B 85 -9.72 -16.52 -5.12
CA LEU B 85 -10.19 -16.30 -6.49
C LEU B 85 -11.71 -16.28 -6.45
N ILE B 86 -12.28 -15.08 -6.28
CA ILE B 86 -13.71 -14.90 -6.10
C ILE B 86 -14.35 -14.62 -7.46
N ILE B 87 -15.42 -15.35 -7.77
CA ILE B 87 -16.20 -15.11 -8.96
C ILE B 87 -17.45 -14.35 -8.54
N TRP B 88 -17.54 -13.10 -8.96
CA TRP B 88 -18.62 -12.20 -8.55
C TRP B 88 -19.73 -12.15 -9.59
N ASP B 89 -20.93 -11.87 -9.12
CA ASP B 89 -22.05 -11.50 -9.98
C ASP B 89 -22.15 -9.99 -9.96
N SER B 90 -21.73 -9.35 -11.05
CA SER B 90 -21.65 -7.90 -11.10
C SER B 90 -23.02 -7.24 -10.91
N TYR B 91 -24.06 -7.85 -11.47
CA TYR B 91 -25.38 -7.23 -11.41
C TYR B 91 -25.92 -7.21 -9.98
N THR B 92 -25.69 -8.28 -9.22
CA THR B 92 -26.27 -8.41 -7.88
C THR B 92 -25.22 -8.52 -6.79
N THR B 93 -23.99 -8.06 -7.06
CA THR B 93 -22.87 -8.03 -6.12
C THR B 93 -22.84 -9.26 -5.19
N ASN B 94 -22.88 -10.44 -5.80
CA ASN B 94 -22.81 -11.70 -5.09
C ASN B 94 -21.47 -12.37 -5.33
N LYS B 95 -21.31 -13.56 -4.76
CA LYS B 95 -20.08 -14.35 -4.87
C LYS B 95 -20.46 -15.77 -5.24
N VAL B 96 -20.38 -16.10 -6.54
CA VAL B 96 -20.73 -17.44 -7.00
C VAL B 96 -19.76 -18.47 -6.42
N HIS B 97 -18.47 -18.18 -6.44
CA HIS B 97 -17.46 -19.09 -5.95
C HIS B 97 -16.37 -18.31 -5.23
N ALA B 98 -15.62 -19.02 -4.39
CA ALA B 98 -14.44 -18.48 -3.71
C ALA B 98 -13.39 -19.58 -3.70
N ILE B 99 -12.49 -19.55 -4.68
CA ILE B 99 -11.52 -20.63 -4.90
C ILE B 99 -10.27 -20.30 -4.10
N PRO B 100 -9.90 -21.10 -3.11
CA PRO B 100 -8.63 -20.88 -2.39
C PRO B 100 -7.47 -21.49 -3.17
N LEU B 101 -6.54 -20.63 -3.56
CA LEU B 101 -5.38 -21.06 -4.36
C LEU B 101 -4.26 -21.56 -3.45
N ARG B 102 -3.48 -22.50 -3.98
CA ARG B 102 -2.34 -23.02 -3.23
C ARG B 102 -1.26 -21.95 -3.06
N SER B 103 -1.04 -21.13 -4.08
CA SER B 103 -0.06 -20.06 -4.05
C SER B 103 -0.77 -18.74 -3.84
N SER B 104 -0.40 -18.01 -2.79
CA SER B 104 -1.07 -16.75 -2.48
C SER B 104 -0.74 -15.66 -3.49
N TRP B 105 0.46 -15.68 -4.05
CA TRP B 105 0.91 -14.61 -4.94
C TRP B 105 0.44 -14.92 -6.35
N VAL B 106 -0.64 -14.25 -6.76
CA VAL B 106 -1.21 -14.39 -8.09
C VAL B 106 -1.24 -13.01 -8.75
N MET B 107 -0.67 -12.93 -9.96
CA MET B 107 -0.68 -11.70 -10.73
C MET B 107 -1.67 -11.70 -11.88
N THR B 108 -2.16 -12.88 -12.28
CA THR B 108 -3.04 -12.98 -13.43
C THR B 108 -4.14 -14.01 -13.16
N CYS B 109 -5.36 -13.66 -13.56
CA CYS B 109 -6.47 -14.59 -13.55
C CYS B 109 -7.21 -14.45 -14.88
N ALA B 110 -7.70 -15.58 -15.39
CA ALA B 110 -8.35 -15.61 -16.69
C ALA B 110 -9.69 -16.31 -16.58
N TYR B 111 -10.68 -15.76 -17.27
CA TYR B 111 -11.99 -16.37 -17.41
C TYR B 111 -12.11 -16.95 -18.82
N ALA B 112 -12.47 -18.22 -18.91
CA ALA B 112 -12.58 -18.87 -20.20
C ALA B 112 -13.69 -18.21 -21.02
N PRO B 113 -13.53 -18.09 -22.34
CA PRO B 113 -14.57 -17.43 -23.15
C PRO B 113 -15.90 -18.16 -23.13
N SER B 114 -15.92 -19.45 -22.81
CA SER B 114 -17.15 -20.22 -22.71
C SER B 114 -17.44 -20.63 -21.26
N GLY B 115 -16.81 -19.98 -20.31
CA GLY B 115 -16.96 -20.38 -18.92
C GLY B 115 -16.32 -21.73 -18.69
N ASN B 116 -16.73 -22.36 -17.59
CA ASN B 116 -16.37 -23.74 -17.24
C ASN B 116 -14.91 -23.86 -16.82
N TYR B 117 -14.14 -22.79 -16.94
CA TYR B 117 -12.72 -22.81 -16.61
C TYR B 117 -12.27 -21.43 -16.15
N VAL B 118 -11.40 -21.40 -15.15
CA VAL B 118 -10.77 -20.16 -14.68
C VAL B 118 -9.30 -20.44 -14.43
N ALA B 119 -8.43 -19.56 -14.92
CA ALA B 119 -6.99 -19.71 -14.79
C ALA B 119 -6.44 -18.72 -13.78
N CYS B 120 -5.29 -19.07 -13.21
CA CYS B 120 -4.57 -18.18 -12.30
C CYS B 120 -3.10 -18.53 -12.32
N GLY B 121 -2.27 -17.56 -11.95
CA GLY B 121 -0.84 -17.77 -11.91
C GLY B 121 -0.13 -16.60 -11.29
N GLY B 122 1.11 -16.84 -10.88
CA GLY B 122 1.91 -15.83 -10.21
C GLY B 122 3.35 -16.22 -10.01
N LEU B 123 3.88 -15.97 -8.81
CA LEU B 123 5.26 -16.28 -8.50
C LEU B 123 5.54 -17.77 -8.39
N ASP B 124 4.55 -18.63 -8.62
CA ASP B 124 4.73 -20.07 -8.56
C ASP B 124 5.13 -20.67 -9.92
N ASN B 125 5.21 -19.85 -10.97
CA ASN B 125 5.56 -20.29 -12.32
C ASN B 125 4.58 -21.31 -12.87
N ILE B 126 3.37 -21.37 -12.32
CA ILE B 126 2.38 -22.39 -12.68
C ILE B 126 1.07 -21.70 -13.01
N CYS B 127 0.47 -22.11 -14.13
CA CYS B 127 -0.88 -21.68 -14.50
C CYS B 127 -1.85 -22.78 -14.13
N SER B 128 -2.77 -22.48 -13.21
CA SER B 128 -3.71 -23.47 -12.68
C SER B 128 -5.06 -23.26 -13.33
N ILE B 129 -5.57 -24.29 -13.99
CA ILE B 129 -6.87 -24.26 -14.65
C ILE B 129 -7.90 -24.85 -13.69
N TYR B 130 -8.90 -24.05 -13.32
CA TYR B 130 -9.91 -24.45 -12.35
C TYR B 130 -11.22 -24.73 -13.08
N ASN B 131 -11.75 -25.93 -12.92
CA ASN B 131 -12.99 -26.31 -13.56
C ASN B 131 -14.18 -25.73 -12.80
N LEU B 132 -15.10 -25.10 -13.53
CA LEU B 132 -16.30 -24.51 -12.95
C LEU B 132 -17.50 -25.45 -13.09
N LYS B 133 -17.83 -25.86 -14.31
CA LYS B 133 -18.93 -26.78 -14.55
C LYS B 133 -18.46 -28.19 -14.20
N THR B 134 -18.45 -28.47 -12.90
CA THR B 134 -18.06 -29.78 -12.42
C THR B 134 -19.23 -30.76 -12.52
N ARG B 135 -18.90 -32.05 -12.43
CA ARG B 135 -19.93 -33.08 -12.55
C ARG B 135 -20.94 -32.99 -11.41
N GLU B 136 -20.47 -32.75 -10.18
CA GLU B 136 -21.34 -32.70 -9.02
C GLU B 136 -21.41 -31.32 -8.39
N GLY B 137 -20.27 -30.72 -8.06
CA GLY B 137 -20.28 -29.42 -7.44
C GLY B 137 -18.87 -28.99 -7.07
N ASN B 138 -18.80 -27.86 -6.35
CA ASN B 138 -17.54 -27.29 -5.90
C ASN B 138 -16.62 -26.95 -7.06
N VAL B 139 -15.37 -26.58 -6.76
CA VAL B 139 -14.38 -26.25 -7.77
C VAL B 139 -13.09 -26.98 -7.44
N ARG B 140 -12.45 -27.53 -8.47
CA ARG B 140 -11.20 -28.25 -8.33
C ARG B 140 -10.31 -27.97 -9.52
N VAL B 141 -9.01 -28.18 -9.32
CA VAL B 141 -8.04 -27.97 -10.40
C VAL B 141 -8.24 -29.04 -11.46
N SER B 142 -8.07 -28.66 -12.73
CA SER B 142 -8.15 -29.63 -13.81
C SER B 142 -6.76 -30.09 -14.24
N ARG B 143 -5.88 -29.13 -14.57
CA ARG B 143 -4.50 -29.43 -14.89
C ARG B 143 -3.62 -28.28 -14.41
N GLU B 144 -2.40 -28.62 -14.02
CA GLU B 144 -1.40 -27.64 -13.61
C GLU B 144 -0.30 -27.60 -14.65
N LEU B 145 -0.03 -26.40 -15.18
CA LEU B 145 0.91 -26.21 -16.26
C LEU B 145 2.25 -25.74 -15.69
N ALA B 146 3.30 -26.50 -15.92
CA ALA B 146 4.63 -26.18 -15.42
C ALA B 146 5.63 -26.22 -16.55
N GLY B 147 6.71 -25.44 -16.40
CA GLY B 147 7.73 -25.34 -17.42
C GLY B 147 8.28 -23.94 -17.57
N HIS B 148 7.49 -22.94 -17.19
CA HIS B 148 7.97 -21.57 -17.18
C HIS B 148 9.01 -21.38 -16.08
N THR B 149 10.06 -20.62 -16.40
CA THR B 149 11.13 -20.36 -15.43
C THR B 149 10.79 -19.17 -14.53
N GLY B 150 10.41 -18.04 -15.12
CA GLY B 150 10.06 -16.87 -14.34
C GLY B 150 8.60 -16.85 -13.94
N TYR B 151 8.26 -15.86 -13.14
CA TYR B 151 6.90 -15.71 -12.65
C TYR B 151 5.94 -15.42 -13.80
N LEU B 152 4.73 -15.96 -13.70
CA LEU B 152 3.69 -15.66 -14.67
C LEU B 152 3.11 -14.27 -14.42
N SER B 153 2.92 -13.52 -15.50
CA SER B 153 2.44 -12.15 -15.42
C SER B 153 1.02 -11.99 -15.95
N CYS B 154 0.72 -12.55 -17.11
CA CYS B 154 -0.62 -12.44 -17.68
C CYS B 154 -0.92 -13.68 -18.50
N CYS B 155 -1.96 -14.41 -18.13
CA CYS B 155 -2.42 -15.58 -18.86
C CYS B 155 -3.84 -15.32 -19.37
N ARG B 156 -4.06 -15.63 -20.65
CA ARG B 156 -5.37 -15.46 -21.27
C ARG B 156 -5.72 -16.71 -22.05
N PHE B 157 -7.03 -16.97 -22.14
CA PHE B 157 -7.53 -18.15 -22.81
C PHE B 157 -7.72 -17.90 -24.29
N LEU B 158 -7.31 -18.87 -25.11
CA LEU B 158 -7.68 -18.89 -26.53
C LEU B 158 -9.04 -19.55 -26.70
N ASP B 159 -9.16 -20.78 -26.20
CA ASP B 159 -10.43 -21.50 -26.09
C ASP B 159 -10.23 -22.60 -25.07
N ASP B 160 -11.18 -23.52 -24.99
CA ASP B 160 -10.97 -24.72 -24.17
C ASP B 160 -9.85 -25.55 -24.76
N ASN B 161 -8.95 -26.03 -23.90
CA ASN B 161 -7.80 -26.84 -24.29
C ASN B 161 -6.76 -26.04 -25.08
N GLN B 162 -6.69 -24.73 -24.83
CA GLN B 162 -5.62 -23.91 -25.42
C GLN B 162 -5.53 -22.61 -24.64
N ILE B 163 -4.38 -22.37 -24.00
CA ILE B 163 -4.17 -21.17 -23.21
C ILE B 163 -2.82 -20.54 -23.59
N VAL B 164 -2.72 -19.24 -23.38
CA VAL B 164 -1.50 -18.47 -23.63
C VAL B 164 -1.06 -17.84 -22.32
N THR B 165 0.22 -18.00 -22.00
CA THR B 165 0.79 -17.51 -20.75
C THR B 165 1.97 -16.59 -21.00
N SER B 166 2.08 -15.55 -20.18
CA SER B 166 3.20 -14.62 -20.20
C SER B 166 4.02 -14.80 -18.92
N SER B 167 5.33 -14.82 -19.06
CA SER B 167 6.22 -15.13 -17.95
C SER B 167 7.35 -14.12 -17.87
N GLY B 168 7.97 -14.06 -16.69
CA GLY B 168 9.06 -13.15 -16.41
C GLY B 168 10.42 -13.60 -16.91
N ASP B 169 10.51 -14.77 -17.54
CA ASP B 169 11.76 -15.24 -18.12
C ASP B 169 11.91 -14.84 -19.58
N THR B 170 11.31 -13.73 -19.98
CA THR B 170 11.37 -13.14 -21.32
C THR B 170 10.72 -14.02 -22.39
N THR B 171 9.98 -15.06 -22.01
CA THR B 171 9.36 -15.97 -22.95
C THR B 171 7.89 -16.13 -22.64
N CYS B 172 7.06 -16.12 -23.69
CA CYS B 172 5.66 -16.46 -23.60
C CYS B 172 5.45 -17.88 -24.15
N ALA B 173 4.45 -18.57 -23.63
CA ALA B 173 4.22 -19.97 -23.96
C ALA B 173 2.76 -20.20 -24.34
N LEU B 174 2.56 -21.10 -25.30
CA LEU B 174 1.24 -21.58 -25.67
C LEU B 174 1.07 -23.01 -25.17
N TRP B 175 -0.03 -23.26 -24.45
CA TRP B 175 -0.26 -24.55 -23.84
C TRP B 175 -1.55 -25.17 -24.36
N ASP B 176 -1.66 -26.49 -24.15
CA ASP B 176 -2.93 -27.20 -24.27
C ASP B 176 -3.17 -27.92 -22.95
N ILE B 177 -4.34 -27.70 -22.36
CA ILE B 177 -4.60 -28.16 -21.00
C ILE B 177 -4.71 -29.69 -20.94
N GLU B 178 -5.31 -30.32 -21.95
CA GLU B 178 -5.57 -31.75 -21.88
C GLU B 178 -4.28 -32.55 -21.75
N THR B 179 -3.32 -32.31 -22.65
CA THR B 179 -2.05 -33.03 -22.57
C THR B 179 -1.18 -32.49 -21.45
N GLY B 180 -1.12 -31.17 -21.30
CA GLY B 180 -0.36 -30.55 -20.24
C GLY B 180 0.99 -30.01 -20.61
N GLN B 181 1.37 -30.04 -21.88
CA GLN B 181 2.67 -29.57 -22.34
C GLN B 181 2.49 -28.39 -23.29
N GLN B 182 3.58 -27.65 -23.49
CA GLN B 182 3.56 -26.50 -24.37
C GLN B 182 3.47 -26.92 -25.83
N THR B 183 2.70 -26.18 -26.61
CA THR B 183 2.64 -26.38 -28.05
C THR B 183 3.63 -25.50 -28.80
N THR B 184 3.87 -24.29 -28.32
CA THR B 184 4.83 -23.37 -28.94
C THR B 184 5.38 -22.44 -27.88
N THR B 185 6.68 -22.19 -27.94
CA THR B 185 7.33 -21.24 -27.05
C THR B 185 7.77 -20.02 -27.86
N PHE B 186 7.64 -18.84 -27.27
CA PHE B 186 7.94 -17.58 -27.93
C PHE B 186 9.13 -16.93 -27.26
N THR B 187 10.18 -16.66 -28.03
CA THR B 187 11.41 -16.09 -27.52
C THR B 187 11.83 -14.90 -28.37
N GLY B 188 12.58 -13.99 -27.76
CA GLY B 188 13.03 -12.80 -28.46
C GLY B 188 13.06 -11.56 -27.59
N HIS B 189 12.54 -11.67 -26.37
CA HIS B 189 12.53 -10.54 -25.45
C HIS B 189 13.77 -10.58 -24.55
N THR B 190 14.12 -9.40 -24.02
CA THR B 190 15.23 -9.26 -23.10
C THR B 190 14.80 -9.06 -21.66
N GLY B 191 13.67 -8.41 -21.43
CA GLY B 191 13.16 -8.17 -20.10
C GLY B 191 11.96 -9.05 -19.78
N ASP B 192 11.55 -8.99 -18.51
CA ASP B 192 10.43 -9.80 -18.06
C ASP B 192 9.14 -9.36 -18.74
N VAL B 193 8.45 -10.31 -19.37
CA VAL B 193 7.18 -10.01 -19.99
C VAL B 193 6.13 -9.81 -18.90
N MET B 194 5.47 -8.66 -18.92
CA MET B 194 4.62 -8.25 -17.82
C MET B 194 3.13 -8.30 -18.11
N SER B 195 2.73 -8.29 -19.37
CA SER B 195 1.31 -8.30 -19.71
C SER B 195 1.13 -8.81 -21.13
N LEU B 196 -0.10 -9.22 -21.45
CA LEU B 196 -0.38 -9.91 -22.69
C LEU B 196 -1.84 -9.72 -23.05
N SER B 197 -2.11 -9.52 -24.34
CA SER B 197 -3.47 -9.35 -24.83
C SER B 197 -3.63 -10.04 -26.18
N LEU B 198 -4.78 -10.65 -26.40
CA LEU B 198 -5.05 -11.44 -27.59
C LEU B 198 -5.86 -10.65 -28.61
N ALA B 199 -5.67 -10.98 -29.87
CA ALA B 199 -6.47 -10.39 -30.93
C ALA B 199 -7.90 -10.92 -30.87
N PRO B 200 -8.88 -10.15 -31.35
CA PRO B 200 -10.26 -10.66 -31.37
C PRO B 200 -10.42 -11.92 -32.20
N ASP B 201 -9.63 -12.09 -33.25
CA ASP B 201 -9.66 -13.29 -34.07
C ASP B 201 -8.81 -14.43 -33.53
N THR B 202 -8.14 -14.23 -32.38
CA THR B 202 -7.35 -15.27 -31.71
C THR B 202 -6.32 -15.88 -32.65
N ARG B 203 -5.69 -15.04 -33.48
CA ARG B 203 -4.60 -15.47 -34.33
C ARG B 203 -3.26 -14.86 -33.94
N LEU B 204 -3.26 -13.74 -33.23
CA LEU B 204 -2.04 -13.05 -32.84
C LEU B 204 -2.20 -12.51 -31.42
N PHE B 205 -1.06 -12.22 -30.79
CA PHE B 205 -1.06 -11.59 -29.48
C PHE B 205 0.22 -10.78 -29.32
N VAL B 206 0.10 -9.65 -28.63
CA VAL B 206 1.20 -8.74 -28.40
C VAL B 206 1.60 -8.79 -26.93
N SER B 207 2.90 -8.81 -26.68
CA SER B 207 3.44 -8.90 -25.33
C SER B 207 4.41 -7.75 -25.10
N GLY B 208 4.23 -7.05 -23.99
CA GLY B 208 5.13 -5.98 -23.57
C GLY B 208 5.94 -6.42 -22.36
N ALA B 209 7.24 -6.19 -22.42
CA ALA B 209 8.16 -6.65 -21.40
C ALA B 209 8.89 -5.48 -20.76
N CYS B 210 9.88 -5.80 -19.92
CA CYS B 210 10.67 -4.81 -19.19
C CYS B 210 11.87 -4.33 -19.98
N ASP B 211 11.86 -4.48 -21.31
CA ASP B 211 12.92 -3.97 -22.16
C ASP B 211 12.43 -2.81 -23.03
N ALA B 212 11.35 -2.14 -22.62
CA ALA B 212 10.82 -0.96 -23.29
C ALA B 212 10.41 -1.24 -24.74
N SER B 213 9.98 -2.47 -25.01
CA SER B 213 9.57 -2.84 -26.36
C SER B 213 8.42 -3.83 -26.30
N ALA B 214 7.50 -3.71 -27.24
CA ALA B 214 6.40 -4.64 -27.42
C ALA B 214 6.57 -5.39 -28.73
N LYS B 215 6.17 -6.66 -28.73
CA LYS B 215 6.35 -7.53 -29.89
C LYS B 215 5.06 -8.24 -30.23
N LEU B 216 4.79 -8.38 -31.53
CA LEU B 216 3.64 -9.11 -32.02
C LEU B 216 4.05 -10.53 -32.39
N TRP B 217 3.24 -11.50 -31.95
CA TRP B 217 3.53 -12.90 -32.16
C TRP B 217 2.44 -13.55 -33.00
N ASP B 218 2.82 -14.64 -33.67
CA ASP B 218 1.89 -15.52 -34.37
C ASP B 218 1.73 -16.79 -33.55
N VAL B 219 0.48 -17.15 -33.23
CA VAL B 219 0.24 -18.21 -32.26
C VAL B 219 0.73 -19.55 -32.79
N ARG B 220 0.38 -19.89 -34.03
CA ARG B 220 0.77 -21.18 -34.57
C ARG B 220 2.16 -21.15 -35.22
N GLU B 221 2.45 -20.10 -35.99
CA GLU B 221 3.76 -20.03 -36.64
C GLU B 221 4.88 -19.94 -35.61
N GLY B 222 4.69 -19.16 -34.55
CA GLY B 222 5.59 -19.18 -33.42
C GLY B 222 6.81 -18.29 -33.53
N MET B 223 6.78 -17.26 -34.38
CA MET B 223 7.88 -16.32 -34.47
C MET B 223 7.35 -14.90 -34.32
N CYS B 224 8.23 -14.00 -33.88
CA CYS B 224 7.89 -12.59 -33.74
C CYS B 224 7.93 -11.92 -35.10
N ARG B 225 6.79 -11.36 -35.52
CA ARG B 225 6.73 -10.71 -36.82
C ARG B 225 7.24 -9.28 -36.75
N GLN B 226 6.82 -8.52 -35.74
CA GLN B 226 7.19 -7.11 -35.61
C GLN B 226 7.57 -6.81 -34.17
N THR B 227 8.42 -5.79 -34.01
CA THR B 227 8.73 -5.23 -32.71
C THR B 227 8.49 -3.73 -32.75
N PHE B 228 8.09 -3.17 -31.61
CA PHE B 228 7.75 -1.76 -31.51
C PHE B 228 8.56 -1.15 -30.35
N THR B 229 9.44 -0.22 -30.68
CA THR B 229 10.32 0.41 -29.70
C THR B 229 10.07 1.92 -29.74
N GLY B 230 9.22 2.40 -28.85
CA GLY B 230 8.95 3.82 -28.75
C GLY B 230 8.97 4.33 -27.33
N HIS B 231 9.00 3.41 -26.37
CA HIS B 231 8.96 3.77 -24.97
C HIS B 231 10.36 4.03 -24.43
N GLU B 232 10.43 4.33 -23.14
CA GLU B 232 11.69 4.59 -22.46
C GLU B 232 11.75 3.96 -21.08
N SER B 233 10.83 3.06 -20.75
CA SER B 233 10.88 2.31 -19.50
C SER B 233 10.10 1.02 -19.67
N ASP B 234 9.95 0.27 -18.59
CA ASP B 234 9.30 -1.04 -18.66
C ASP B 234 7.81 -0.89 -18.96
N ILE B 235 7.33 -1.62 -19.96
CA ILE B 235 5.91 -1.63 -20.28
C ILE B 235 5.19 -2.54 -19.31
N ASN B 236 4.19 -2.01 -18.62
CA ASN B 236 3.49 -2.74 -17.57
C ASN B 236 2.15 -3.32 -18.00
N ALA B 237 1.54 -2.80 -19.06
CA ALA B 237 0.24 -3.29 -19.50
C ALA B 237 0.12 -3.11 -21.00
N ILE B 238 -0.56 -4.05 -21.65
CA ILE B 238 -0.81 -4.00 -23.09
C ILE B 238 -2.28 -4.36 -23.29
N CYS B 239 -2.83 -3.92 -24.42
CA CYS B 239 -4.24 -4.21 -24.72
C CYS B 239 -4.47 -4.00 -26.21
N PHE B 240 -5.00 -5.01 -26.88
CA PHE B 240 -5.36 -4.87 -28.29
C PHE B 240 -6.48 -3.86 -28.48
N PHE B 241 -6.41 -3.12 -29.58
CA PHE B 241 -7.52 -2.27 -29.97
C PHE B 241 -8.70 -3.13 -30.43
N PRO B 242 -9.94 -2.74 -30.10
CA PRO B 242 -11.12 -3.48 -30.57
C PRO B 242 -11.07 -3.94 -32.01
N ASN B 243 -10.56 -3.09 -32.89
CA ASN B 243 -10.44 -3.46 -34.30
C ASN B 243 -9.47 -4.62 -34.48
N GLY B 244 -8.35 -4.61 -33.75
CA GLY B 244 -7.34 -5.63 -33.87
C GLY B 244 -6.12 -5.22 -34.67
N ASN B 245 -6.06 -3.98 -35.16
CA ASN B 245 -4.92 -3.48 -35.91
C ASN B 245 -4.17 -2.39 -35.15
N ALA B 246 -4.29 -2.40 -33.82
CA ALA B 246 -3.57 -1.45 -32.97
C ALA B 246 -3.59 -1.97 -31.55
N PHE B 247 -2.75 -1.37 -30.71
CA PHE B 247 -2.73 -1.70 -29.29
C PHE B 247 -2.11 -0.54 -28.53
N ALA B 248 -2.39 -0.51 -27.23
CA ALA B 248 -1.92 0.54 -26.34
C ALA B 248 -1.04 -0.05 -25.25
N THR B 249 0.04 0.66 -24.92
CA THR B 249 1.00 0.22 -23.93
C THR B 249 1.17 1.29 -22.86
N GLY B 250 1.21 0.85 -21.61
CA GLY B 250 1.50 1.74 -20.49
C GLY B 250 2.79 1.33 -19.82
N SER B 251 3.64 2.31 -19.54
CA SER B 251 4.98 2.04 -19.03
C SER B 251 5.25 2.89 -17.79
N ASP B 252 6.41 2.66 -17.19
CA ASP B 252 6.81 3.39 -15.99
C ASP B 252 7.22 4.82 -16.28
N ASP B 253 7.37 5.21 -17.54
CA ASP B 253 7.71 6.58 -17.91
C ASP B 253 6.51 7.51 -17.89
N ALA B 254 5.38 7.07 -17.33
CA ALA B 254 4.16 7.86 -17.22
C ALA B 254 3.61 8.28 -18.58
N THR B 255 3.89 7.49 -19.62
CA THR B 255 3.39 7.75 -20.95
C THR B 255 2.67 6.51 -21.49
N CYS B 256 1.45 6.70 -21.98
CA CYS B 256 0.72 5.67 -22.69
C CYS B 256 0.88 5.89 -24.18
N ARG B 257 1.22 4.82 -24.91
CA ARG B 257 1.47 4.93 -26.34
C ARG B 257 0.56 3.97 -27.10
N LEU B 258 0.05 4.44 -28.23
CA LEU B 258 -0.76 3.64 -29.13
C LEU B 258 0.10 3.25 -30.32
N PHE B 259 0.23 1.94 -30.54
CA PHE B 259 1.07 1.42 -31.61
C PHE B 259 0.21 0.81 -32.71
N ASP B 260 0.64 0.98 -33.95
CA ASP B 260 -0.06 0.43 -35.10
C ASP B 260 0.74 -0.74 -35.66
N LEU B 261 0.05 -1.85 -35.90
CA LEU B 261 0.71 -3.06 -36.37
C LEU B 261 0.99 -3.04 -37.86
N ARG B 262 0.28 -2.23 -38.64
CA ARG B 262 0.54 -2.14 -40.08
C ARG B 262 1.48 -0.99 -40.43
N ALA B 263 1.93 -0.22 -39.44
CA ALA B 263 2.94 0.81 -39.65
C ALA B 263 4.06 0.75 -38.63
N ASP B 264 4.02 -0.23 -37.71
CA ASP B 264 5.02 -0.51 -36.68
C ASP B 264 5.65 0.76 -36.08
N GLN B 265 4.83 1.77 -35.83
CA GLN B 265 5.27 3.02 -35.26
C GLN B 265 4.33 3.45 -34.14
N GLU B 266 4.87 4.20 -33.20
CA GLU B 266 4.02 4.83 -32.19
C GLU B 266 3.14 5.89 -32.84
N LEU B 267 1.89 5.95 -32.42
CA LEU B 267 0.92 6.88 -32.98
C LEU B 267 0.65 8.07 -32.09
N MET B 268 0.47 7.86 -30.79
CA MET B 268 0.26 8.96 -29.86
C MET B 268 0.99 8.65 -28.56
N THR B 269 1.29 9.71 -27.81
CA THR B 269 1.93 9.60 -26.50
C THR B 269 1.03 10.37 -25.52
N TYR B 270 0.09 9.66 -24.92
CA TYR B 270 -0.81 10.26 -23.94
C TYR B 270 -0.02 10.50 -22.66
N SER B 271 0.44 11.74 -22.47
CA SER B 271 1.27 12.07 -21.32
C SER B 271 1.04 13.53 -20.94
N HIS B 272 1.38 13.84 -19.69
CA HIS B 272 1.28 15.19 -19.16
C HIS B 272 2.46 15.45 -18.25
N ASP B 273 2.78 16.73 -18.07
CA ASP B 273 3.86 17.10 -17.15
C ASP B 273 3.46 16.78 -15.71
N ASN B 274 2.16 16.75 -15.41
CA ASN B 274 1.72 16.51 -14.04
C ASN B 274 1.87 15.04 -13.67
N ILE B 275 1.54 14.13 -14.59
CA ILE B 275 1.57 12.71 -14.26
C ILE B 275 3.02 12.23 -14.23
N ILE B 276 3.45 11.77 -13.06
CA ILE B 276 4.86 11.29 -12.90
C ILE B 276 4.79 9.76 -12.72
N CYS B 277 3.72 9.27 -12.11
CA CYS B 277 3.61 7.84 -11.85
C CYS B 277 3.35 7.07 -13.14
N GLY B 278 3.80 5.82 -13.18
CA GLY B 278 3.62 4.98 -14.34
C GLY B 278 2.22 4.41 -14.45
N ILE B 279 1.97 3.75 -15.58
CA ILE B 279 0.68 3.13 -15.86
C ILE B 279 0.75 1.67 -15.46
N THR B 280 -0.25 1.21 -14.72
CA THR B 280 -0.31 -0.18 -14.28
C THR B 280 -1.27 -1.04 -15.10
N SER B 281 -2.37 -0.46 -15.59
CA SER B 281 -3.37 -1.21 -16.34
C SER B 281 -3.91 -0.35 -17.48
N VAL B 282 -4.12 -0.98 -18.63
CA VAL B 282 -4.61 -0.31 -19.82
C VAL B 282 -5.71 -1.16 -20.44
N SER B 283 -6.84 -0.54 -20.77
CA SER B 283 -7.94 -1.24 -21.42
C SER B 283 -8.73 -0.26 -22.27
N PHE B 284 -9.04 -0.68 -23.50
CA PHE B 284 -9.81 0.15 -24.41
C PHE B 284 -11.31 -0.02 -24.17
N SER B 285 -12.07 0.99 -24.57
CA SER B 285 -13.52 0.89 -24.54
C SER B 285 -13.99 0.00 -25.70
N LYS B 286 -15.31 -0.22 -25.76
CA LYS B 286 -15.86 -1.08 -26.80
C LYS B 286 -15.59 -0.51 -28.19
N SER B 287 -15.78 0.79 -28.36
CA SER B 287 -15.53 1.44 -29.64
C SER B 287 -14.08 1.88 -29.81
N GLY B 288 -13.27 1.82 -28.76
CA GLY B 288 -11.89 2.26 -28.82
C GLY B 288 -11.69 3.76 -28.73
N ARG B 289 -12.77 4.53 -28.62
CA ARG B 289 -12.63 5.98 -28.49
C ARG B 289 -11.97 6.37 -27.18
N LEU B 290 -12.28 5.67 -26.10
CA LEU B 290 -11.75 5.96 -24.78
C LEU B 290 -10.71 4.93 -24.40
N LEU B 291 -9.58 5.40 -23.88
CA LEU B 291 -8.47 4.55 -23.48
C LEU B 291 -8.28 4.74 -21.98
N LEU B 292 -8.91 3.87 -21.20
CA LEU B 292 -8.82 3.93 -19.75
C LEU B 292 -7.45 3.40 -19.31
N ALA B 293 -6.80 4.14 -18.41
CA ALA B 293 -5.47 3.80 -17.93
C ALA B 293 -5.44 3.90 -16.42
N GLY B 294 -4.81 2.91 -15.78
CA GLY B 294 -4.69 2.87 -14.34
C GLY B 294 -3.29 3.27 -13.89
N TYR B 295 -3.21 4.38 -13.18
CA TYR B 295 -1.94 4.92 -12.72
C TYR B 295 -1.67 4.51 -11.27
N ASP B 296 -0.44 4.78 -10.83
CA ASP B 296 0.00 4.45 -9.48
C ASP B 296 -0.28 5.55 -8.47
N ASP B 297 -0.90 6.66 -8.89
CA ASP B 297 -1.25 7.75 -8.00
C ASP B 297 -2.64 7.59 -7.39
N PHE B 298 -3.10 6.35 -7.24
CA PHE B 298 -4.41 6.04 -6.66
C PHE B 298 -5.53 6.61 -7.53
N ASN B 299 -5.35 6.52 -8.85
CA ASN B 299 -6.29 7.12 -9.78
C ASN B 299 -6.29 6.33 -11.08
N CYS B 300 -7.43 6.34 -11.75
CA CYS B 300 -7.57 5.82 -13.11
C CYS B 300 -8.01 6.96 -14.01
N ASN B 301 -7.31 7.13 -15.12
CA ASN B 301 -7.46 8.31 -15.96
C ASN B 301 -7.99 7.89 -17.32
N VAL B 302 -9.11 8.48 -17.72
CA VAL B 302 -9.80 8.10 -18.96
C VAL B 302 -9.32 9.03 -20.07
N TRP B 303 -8.50 8.50 -20.97
CA TRP B 303 -7.99 9.24 -22.09
C TRP B 303 -8.95 9.13 -23.28
N ASP B 304 -8.65 9.88 -24.33
CA ASP B 304 -9.31 9.74 -25.62
C ASP B 304 -8.22 9.28 -26.59
N ALA B 305 -8.41 8.09 -27.19
CA ALA B 305 -7.36 7.49 -28.00
C ALA B 305 -7.07 8.33 -29.25
N LEU B 306 -8.11 8.87 -29.88
CA LEU B 306 -7.92 9.59 -31.13
C LEU B 306 -7.25 10.94 -30.89
N LYS B 307 -7.88 11.81 -30.12
CA LYS B 307 -7.28 13.08 -29.71
C LYS B 307 -6.68 12.90 -28.34
N ALA B 308 -5.37 13.11 -28.22
CA ALA B 308 -4.63 12.80 -27.00
C ALA B 308 -5.12 13.57 -25.78
N ASP B 309 -6.05 14.51 -25.95
CA ASP B 309 -6.56 15.26 -24.81
C ASP B 309 -7.23 14.33 -23.81
N ARG B 310 -6.89 14.52 -22.54
CA ARG B 310 -7.43 13.69 -21.46
C ARG B 310 -8.82 14.17 -21.09
N ALA B 311 -9.77 13.23 -20.96
CA ALA B 311 -11.17 13.58 -20.78
C ALA B 311 -11.84 12.72 -19.71
N GLY B 312 -11.17 12.55 -18.57
CA GLY B 312 -11.82 11.86 -17.46
C GLY B 312 -10.91 11.33 -16.38
N VAL B 313 -11.37 11.35 -15.13
CA VAL B 313 -10.62 10.84 -14.00
C VAL B 313 -11.53 9.97 -13.15
N LEU B 314 -11.11 8.73 -12.89
CA LEU B 314 -11.88 7.80 -12.07
C LEU B 314 -11.35 7.79 -10.63
N ALA B 315 -11.57 8.90 -9.94
CA ALA B 315 -11.17 9.01 -8.55
C ALA B 315 -12.05 8.14 -7.66
N GLY B 316 -11.47 7.64 -6.57
CA GLY B 316 -12.22 6.82 -5.64
C GLY B 316 -11.44 5.70 -5.00
N HIS B 317 -10.21 5.46 -5.46
CA HIS B 317 -9.34 4.45 -4.88
C HIS B 317 -8.27 5.13 -4.03
N ASP B 318 -8.03 4.58 -2.83
CA ASP B 318 -7.04 5.14 -1.92
C ASP B 318 -5.71 4.41 -1.96
N ASN B 319 -5.53 3.48 -2.90
CA ASN B 319 -4.26 2.81 -3.11
C ASN B 319 -4.05 2.60 -4.60
N ARG B 320 -2.93 1.98 -4.94
CA ARG B 320 -2.55 1.85 -6.35
C ARG B 320 -3.56 1.03 -7.13
N VAL B 321 -3.97 1.55 -8.29
CA VAL B 321 -4.87 0.83 -9.18
C VAL B 321 -4.04 -0.12 -10.03
N SER B 322 -4.38 -1.41 -9.99
CA SER B 322 -3.61 -2.43 -10.69
C SER B 322 -4.39 -3.17 -11.77
N CYS B 323 -5.71 -3.18 -11.72
CA CYS B 323 -6.53 -3.93 -12.67
C CYS B 323 -7.55 -3.01 -13.31
N LEU B 324 -7.86 -3.29 -14.57
CA LEU B 324 -8.80 -2.47 -15.32
C LEU B 324 -9.26 -3.21 -16.58
N GLY B 325 -10.57 -3.33 -16.75
CA GLY B 325 -11.09 -4.06 -17.89
C GLY B 325 -12.52 -3.71 -18.24
N VAL B 326 -12.77 -3.43 -19.52
CA VAL B 326 -14.10 -3.09 -20.01
C VAL B 326 -14.84 -4.38 -20.34
N THR B 327 -16.15 -4.38 -20.10
CA THR B 327 -16.98 -5.54 -20.40
C THR B 327 -16.98 -5.85 -21.89
N ASP B 328 -17.33 -7.10 -22.21
CA ASP B 328 -17.39 -7.50 -23.61
C ASP B 328 -18.44 -6.71 -24.38
N ASP B 329 -19.51 -6.27 -23.71
CA ASP B 329 -20.52 -5.42 -24.30
C ASP B 329 -20.29 -3.94 -24.01
N GLY B 330 -19.19 -3.60 -23.33
CA GLY B 330 -18.86 -2.21 -23.07
C GLY B 330 -19.84 -1.49 -22.17
N MET B 331 -20.47 -2.21 -21.24
CA MET B 331 -21.46 -1.61 -20.36
C MET B 331 -20.90 -1.16 -19.03
N ALA B 332 -19.82 -1.77 -18.56
CA ALA B 332 -19.27 -1.45 -17.25
C ALA B 332 -17.75 -1.51 -17.31
N VAL B 333 -17.12 -0.73 -16.43
CA VAL B 333 -15.67 -0.75 -16.23
C VAL B 333 -15.42 -1.10 -14.77
N ALA B 334 -14.69 -2.18 -14.54
CA ALA B 334 -14.33 -2.61 -13.19
C ALA B 334 -12.87 -2.26 -12.94
N THR B 335 -12.61 -1.59 -11.82
CA THR B 335 -11.27 -1.12 -11.48
C THR B 335 -10.84 -1.81 -10.19
N GLY B 336 -9.92 -2.76 -10.32
CA GLY B 336 -9.34 -3.43 -9.18
C GLY B 336 -8.06 -2.74 -8.77
N SER B 337 -7.98 -2.37 -7.50
CA SER B 337 -6.84 -1.63 -6.98
C SER B 337 -6.27 -2.37 -5.76
N TRP B 338 -5.35 -1.72 -5.07
CA TRP B 338 -4.66 -2.31 -3.94
C TRP B 338 -5.37 -2.07 -2.62
N ASP B 339 -6.58 -1.49 -2.64
CA ASP B 339 -7.40 -1.34 -1.46
C ASP B 339 -8.42 -2.47 -1.32
N SER B 340 -8.23 -3.57 -2.04
CA SER B 340 -9.08 -4.77 -1.92
C SER B 340 -10.52 -4.48 -2.32
N PHE B 341 -10.73 -3.55 -3.24
CA PHE B 341 -12.06 -3.19 -3.71
C PHE B 341 -12.11 -3.25 -5.22
N LEU B 342 -13.21 -3.78 -5.76
CA LEU B 342 -13.47 -3.72 -7.20
C LEU B 342 -14.66 -2.78 -7.40
N LYS B 343 -14.37 -1.54 -7.75
CA LYS B 343 -15.41 -0.58 -8.05
C LYS B 343 -15.79 -0.70 -9.52
N ILE B 344 -17.08 -0.84 -9.79
CA ILE B 344 -17.60 -0.96 -11.15
C ILE B 344 -18.14 0.39 -11.56
N TRP B 345 -17.60 0.93 -12.64
CA TRP B 345 -17.91 2.28 -13.10
C TRP B 345 -18.70 2.22 -14.40
N ASN B 346 -19.71 3.07 -14.50
CA ASN B 346 -20.55 3.11 -15.69
C ASN B 346 -21.20 4.49 -15.83
N THR C 6 31.68 -16.45 -28.38
CA THR C 6 30.94 -17.13 -29.44
C THR C 6 29.45 -17.20 -29.12
N ALA C 7 29.13 -17.42 -27.84
CA ALA C 7 27.73 -17.43 -27.42
C ALA C 7 27.09 -16.06 -27.63
N SER C 8 27.82 -14.99 -27.28
CA SER C 8 27.35 -13.66 -27.60
C SER C 8 27.26 -13.46 -29.12
N ILE C 9 28.20 -14.04 -29.85
CA ILE C 9 28.15 -13.97 -31.32
C ILE C 9 26.97 -14.80 -31.84
N ALA C 10 26.64 -15.91 -31.17
CA ALA C 10 25.45 -16.67 -31.55
C ALA C 10 24.17 -15.86 -31.34
N GLN C 11 24.08 -15.16 -30.20
CA GLN C 11 22.97 -14.25 -29.98
C GLN C 11 22.95 -13.15 -31.03
N ALA C 12 24.12 -12.69 -31.46
CA ALA C 12 24.19 -11.68 -32.50
C ALA C 12 23.66 -12.21 -33.83
N ARG C 13 24.01 -13.44 -34.19
CA ARG C 13 23.45 -14.02 -35.42
C ARG C 13 21.94 -14.16 -35.32
N LYS C 14 21.44 -14.61 -34.16
CA LYS C 14 20.00 -14.69 -33.98
C LYS C 14 19.34 -13.32 -34.12
N LEU C 15 19.96 -12.30 -33.53
CA LEU C 15 19.40 -10.94 -33.61
C LEU C 15 19.38 -10.43 -35.05
N VAL C 16 20.45 -10.67 -35.80
CA VAL C 16 20.48 -10.17 -37.17
C VAL C 16 19.51 -10.96 -38.05
N GLU C 17 19.34 -12.26 -37.78
CA GLU C 17 18.34 -13.02 -38.52
C GLU C 17 16.94 -12.49 -38.25
N GLN C 18 16.64 -12.18 -36.99
CA GLN C 18 15.34 -11.60 -36.66
C GLN C 18 15.17 -10.24 -37.32
N LEU C 19 16.23 -9.43 -37.32
CA LEU C 19 16.15 -8.11 -37.96
C LEU C 19 15.90 -8.24 -39.45
N LYS C 20 16.53 -9.22 -40.11
CA LYS C 20 16.25 -9.47 -41.51
C LYS C 20 14.81 -9.92 -41.70
N MET C 21 14.29 -10.71 -40.76
CA MET C 21 12.89 -11.13 -40.85
C MET C 21 11.94 -9.94 -40.79
N GLU C 22 12.20 -8.99 -39.89
CA GLU C 22 11.38 -7.80 -39.77
C GLU C 22 11.80 -6.66 -40.68
N ALA C 23 12.76 -6.89 -41.57
CA ALA C 23 13.15 -5.87 -42.54
C ALA C 23 12.30 -5.89 -43.80
N ASN C 24 11.84 -7.07 -44.21
CA ASN C 24 11.09 -7.22 -45.46
C ASN C 24 9.60 -6.94 -45.28
N ILE C 25 9.11 -6.90 -44.04
CA ILE C 25 7.67 -6.80 -43.81
C ILE C 25 7.11 -5.55 -44.47
N ASP C 26 6.04 -5.73 -45.25
CA ASP C 26 5.39 -4.61 -45.91
C ASP C 26 4.73 -3.70 -44.88
N ARG C 27 4.82 -2.39 -45.11
CA ARG C 27 4.34 -1.40 -44.18
C ARG C 27 3.44 -0.41 -44.89
N ILE C 28 2.32 -0.06 -44.26
CA ILE C 28 1.41 0.93 -44.78
C ILE C 28 1.69 2.25 -44.08
N LYS C 29 1.36 3.36 -44.75
CA LYS C 29 1.66 4.67 -44.19
C LYS C 29 0.77 4.97 -42.99
N VAL C 30 1.29 5.83 -42.11
CA VAL C 30 0.58 6.16 -40.87
C VAL C 30 -0.74 6.87 -41.17
N SER C 31 -0.82 7.57 -42.31
CA SER C 31 -2.05 8.30 -42.63
C SER C 31 -3.24 7.36 -42.74
N LYS C 32 -3.12 6.31 -43.56
CA LYS C 32 -4.20 5.33 -43.66
C LYS C 32 -4.33 4.49 -42.39
N ALA C 33 -3.20 4.16 -41.76
CA ALA C 33 -3.22 3.37 -40.53
C ALA C 33 -3.87 4.10 -39.37
N ALA C 34 -4.07 5.41 -39.49
CA ALA C 34 -4.84 6.18 -38.52
C ALA C 34 -6.24 6.51 -39.02
N ALA C 35 -6.41 6.69 -40.33
CA ALA C 35 -7.74 6.92 -40.88
C ALA C 35 -8.65 5.73 -40.63
N ASP C 36 -8.13 4.51 -40.81
CA ASP C 36 -8.95 3.32 -40.54
C ASP C 36 -9.31 3.21 -39.06
N LEU C 37 -8.37 3.55 -38.16
CA LEU C 37 -8.67 3.53 -36.74
C LEU C 37 -9.76 4.54 -36.39
N MET C 38 -9.67 5.74 -36.96
CA MET C 38 -10.70 6.75 -36.72
C MET C 38 -12.04 6.32 -37.29
N ALA C 39 -12.03 5.67 -38.45
CA ALA C 39 -13.27 5.17 -39.04
C ALA C 39 -13.90 4.10 -38.15
N TYR C 40 -13.09 3.19 -37.62
CA TYR C 40 -13.61 2.18 -36.70
C TYR C 40 -14.18 2.83 -35.45
N CYS C 41 -13.49 3.84 -34.91
CA CYS C 41 -13.98 4.52 -33.72
C CYS C 41 -15.32 5.21 -33.99
N GLU C 42 -15.45 5.83 -35.17
CA GLU C 42 -16.68 6.52 -35.51
C GLU C 42 -17.82 5.53 -35.75
N ALA C 43 -17.54 4.42 -36.42
CA ALA C 43 -18.60 3.48 -36.79
C ALA C 43 -19.26 2.86 -35.57
N HIS C 44 -18.47 2.47 -34.57
CA HIS C 44 -18.98 1.82 -33.37
C HIS C 44 -19.28 2.80 -32.25
N ALA C 45 -19.37 4.09 -32.56
CA ALA C 45 -19.55 5.09 -31.51
C ALA C 45 -20.87 4.91 -30.77
N LYS C 46 -21.94 4.59 -31.50
CA LYS C 46 -23.26 4.51 -30.88
C LYS C 46 -23.32 3.38 -29.85
N GLU C 47 -22.72 2.23 -30.16
CA GLU C 47 -22.78 1.06 -29.28
C GLU C 47 -21.63 1.09 -28.27
N ASP C 48 -21.62 2.13 -27.45
CA ASP C 48 -20.61 2.28 -26.40
C ASP C 48 -21.24 3.04 -25.23
N PRO C 49 -21.78 2.31 -24.24
CA PRO C 49 -22.37 2.99 -23.09
C PRO C 49 -21.41 3.89 -22.33
N LEU C 50 -20.11 3.57 -22.32
CA LEU C 50 -19.15 4.40 -21.60
C LEU C 50 -19.05 5.79 -22.22
N LEU C 51 -19.04 5.87 -23.55
CA LEU C 51 -18.98 7.17 -24.21
C LEU C 51 -20.35 7.86 -24.14
N THR C 52 -21.37 7.25 -24.74
CA THR C 52 -22.72 7.78 -24.72
C THR C 52 -23.53 7.08 -23.65
N PRO C 53 -24.01 7.78 -22.62
CA PRO C 53 -24.72 7.10 -21.53
C PRO C 53 -25.96 6.38 -22.04
N VAL C 54 -26.22 5.21 -21.46
CA VAL C 54 -27.38 4.39 -21.80
C VAL C 54 -28.52 4.78 -20.87
N PRO C 55 -29.77 4.81 -21.34
CA PRO C 55 -30.88 5.14 -20.44
C PRO C 55 -30.95 4.20 -19.24
N ALA C 56 -31.35 4.77 -18.10
CA ALA C 56 -31.31 4.03 -16.84
C ALA C 56 -32.19 2.78 -16.88
N SER C 57 -33.24 2.78 -17.68
CA SER C 57 -34.08 1.59 -17.80
C SER C 57 -33.30 0.42 -18.37
N GLU C 58 -32.50 0.66 -19.42
CA GLU C 58 -31.69 -0.39 -20.01
C GLU C 58 -30.39 -0.62 -19.23
N ASN C 59 -29.99 0.34 -18.41
CA ASN C 59 -28.74 0.21 -17.65
C ASN C 59 -28.91 -0.81 -16.53
N PRO C 60 -28.10 -1.87 -16.49
CA PRO C 60 -28.20 -2.83 -15.38
C PRO C 60 -27.52 -2.39 -14.10
N PHE C 61 -26.78 -1.29 -14.13
CA PHE C 61 -26.08 -0.81 -12.94
C PHE C 61 -26.70 0.49 -12.42
N GLN D 24 14.20 4.29 -29.58
CA GLN D 24 14.90 3.19 -28.92
C GLN D 24 15.96 3.71 -27.95
N VAL D 25 15.99 3.12 -26.75
CA VAL D 25 17.00 3.48 -25.77
C VAL D 25 18.37 2.99 -26.26
N GLN D 26 19.37 3.85 -26.19
CA GLN D 26 20.71 3.52 -26.64
C GLN D 26 21.72 4.20 -25.73
N LEU D 27 22.74 3.44 -25.30
CA LEU D 27 23.83 3.96 -24.48
C LEU D 27 25.14 3.52 -25.15
N GLN D 28 25.60 4.32 -26.11
CA GLN D 28 26.81 4.02 -26.86
C GLN D 28 28.01 4.64 -26.16
N GLU D 29 28.91 3.81 -25.66
CA GLU D 29 30.09 4.29 -24.96
C GLU D 29 31.17 4.72 -25.94
N SER D 30 32.13 5.48 -25.42
CA SER D 30 33.28 5.90 -26.21
C SER D 30 34.50 5.95 -25.30
N GLY D 31 35.67 5.84 -25.92
CA GLY D 31 36.93 5.84 -25.20
C GLY D 31 37.60 4.48 -25.25
N GLY D 32 38.76 4.43 -24.61
CA GLY D 32 39.58 3.22 -24.57
C GLY D 32 40.98 3.48 -25.07
N GLY D 33 41.84 2.50 -24.79
CA GLY D 33 43.24 2.58 -25.16
C GLY D 33 44.18 2.21 -24.04
N LEU D 34 45.24 1.48 -24.36
CA LEU D 34 46.18 1.02 -23.34
C LEU D 34 46.92 2.21 -22.73
N VAL D 35 47.03 2.21 -21.40
CA VAL D 35 47.75 3.24 -20.67
C VAL D 35 48.53 2.56 -19.54
N GLN D 36 49.70 3.10 -19.24
CA GLN D 36 50.47 2.64 -18.10
C GLN D 36 49.79 3.08 -16.81
N PRO D 37 50.14 2.45 -15.68
CA PRO D 37 49.53 2.86 -14.41
C PRO D 37 49.73 4.34 -14.14
N GLY D 38 48.68 4.98 -13.64
CA GLY D 38 48.68 6.42 -13.50
C GLY D 38 48.08 7.18 -14.67
N GLY D 39 47.50 6.47 -15.64
CA GLY D 39 46.95 7.15 -16.80
C GLY D 39 45.74 8.00 -16.46
N SER D 40 45.47 8.98 -17.33
CA SER D 40 44.38 9.93 -17.12
C SER D 40 43.43 9.99 -18.31
N LEU D 41 43.32 8.89 -19.06
CA LEU D 41 42.42 8.86 -20.19
C LEU D 41 40.97 8.73 -19.74
N ARG D 42 40.07 9.26 -20.55
CA ARG D 42 38.64 9.23 -20.26
C ARG D 42 37.86 9.56 -21.53
N LEU D 43 36.58 9.19 -21.52
CA LEU D 43 35.61 9.58 -22.53
C LEU D 43 34.23 9.18 -22.03
N SER D 44 33.20 9.71 -22.68
CA SER D 44 31.84 9.63 -22.19
C SER D 44 31.00 8.71 -23.06
N CYS D 45 29.70 8.64 -22.73
CA CYS D 45 28.73 7.85 -23.47
C CYS D 45 28.09 8.71 -24.55
N ALA D 46 27.06 8.18 -25.20
CA ALA D 46 26.31 8.90 -26.24
C ALA D 46 24.82 8.66 -26.05
N ALA D 47 24.36 8.78 -24.81
CA ALA D 47 22.99 8.40 -24.46
C ALA D 47 21.96 9.14 -25.29
N SER D 48 20.97 8.41 -25.79
CA SER D 48 19.90 8.96 -26.59
C SER D 48 18.64 8.14 -26.37
N GLY D 49 17.49 8.74 -26.68
CA GLY D 49 16.22 8.07 -26.59
C GLY D 49 15.41 8.38 -25.35
N PHE D 50 16.00 9.07 -24.37
CA PHE D 50 15.28 9.46 -23.16
C PHE D 50 15.69 10.89 -22.80
N THR D 51 15.16 11.38 -21.68
CA THR D 51 15.30 12.78 -21.32
C THR D 51 16.66 13.12 -20.72
N PHE D 52 17.38 12.14 -20.16
CA PHE D 52 18.70 12.33 -19.56
C PHE D 52 18.66 13.22 -18.32
N SER D 53 17.47 13.49 -17.78
CA SER D 53 17.37 14.37 -16.63
C SER D 53 16.59 13.77 -15.46
N ASN D 54 15.96 12.61 -15.63
CA ASN D 54 15.15 12.00 -14.59
C ASN D 54 15.68 10.62 -14.17
N TYR D 55 16.97 10.38 -14.35
CA TYR D 55 17.52 9.04 -14.16
C TYR D 55 18.77 9.09 -13.29
N LYS D 56 18.88 8.11 -12.40
CA LYS D 56 20.05 7.96 -11.53
C LYS D 56 21.08 7.07 -12.23
N MET D 57 21.68 7.63 -13.27
CA MET D 57 22.65 6.89 -14.06
C MET D 57 23.93 6.66 -13.26
N ASN D 58 24.63 5.57 -13.59
CA ASN D 58 25.83 5.19 -12.88
C ASN D 58 26.77 4.46 -13.85
N TRP D 59 27.86 3.94 -13.30
CA TRP D 59 28.89 3.26 -14.09
C TRP D 59 29.09 1.84 -13.55
N VAL D 60 29.10 0.87 -14.46
CA VAL D 60 29.32 -0.52 -14.11
C VAL D 60 30.34 -1.10 -15.08
N ARG D 61 31.41 -1.70 -14.55
CA ARG D 61 32.45 -2.30 -15.35
C ARG D 61 32.57 -3.78 -15.02
N GLN D 62 32.76 -4.60 -16.05
CA GLN D 62 32.93 -6.03 -15.90
C GLN D 62 34.42 -6.35 -15.98
N ALA D 63 34.96 -6.97 -14.93
CA ALA D 63 36.36 -7.32 -14.88
C ALA D 63 36.61 -8.62 -15.62
N PRO D 64 37.82 -8.84 -16.12
CA PRO D 64 38.12 -10.11 -16.81
C PRO D 64 37.87 -11.31 -15.89
N GLY D 65 36.91 -12.13 -16.28
CA GLY D 65 36.53 -13.28 -15.47
C GLY D 65 35.74 -12.94 -14.23
N LYS D 66 35.08 -11.79 -14.18
CA LYS D 66 34.33 -11.37 -13.01
C LYS D 66 33.02 -10.75 -13.46
N GLY D 67 32.00 -10.82 -12.59
CA GLY D 67 30.69 -10.31 -12.92
C GLY D 67 30.64 -8.79 -12.92
N LEU D 68 29.49 -8.27 -13.32
CA LEU D 68 29.31 -6.83 -13.46
C LEU D 68 29.21 -6.19 -12.07
N GLU D 69 30.17 -5.32 -11.75
CA GLU D 69 30.15 -4.56 -10.52
C GLU D 69 30.10 -3.06 -10.83
N TRP D 70 29.74 -2.29 -9.81
CA TRP D 70 29.55 -0.85 -9.92
C TRP D 70 30.76 -0.09 -9.39
N VAL D 71 30.97 1.10 -9.94
CA VAL D 71 32.07 1.96 -9.52
C VAL D 71 31.58 3.33 -9.08
N SER D 72 30.91 4.07 -9.97
CA SER D 72 30.53 5.45 -9.70
C SER D 72 29.08 5.69 -10.08
N ASP D 73 28.48 6.68 -9.42
CA ASP D 73 27.06 6.96 -9.58
C ASP D 73 26.81 8.46 -9.46
N ILE D 74 25.82 8.97 -10.19
CA ILE D 74 25.41 10.36 -10.13
C ILE D 74 23.89 10.41 -10.09
N SER D 75 23.37 11.53 -9.59
CA SER D 75 21.95 11.70 -9.41
C SER D 75 21.32 12.33 -10.65
N GLN D 76 20.05 12.73 -10.56
CA GLN D 76 19.37 13.33 -11.70
C GLN D 76 20.01 14.65 -12.12
N SER D 77 20.37 15.49 -11.15
CA SER D 77 20.97 16.78 -11.43
C SER D 77 22.48 16.80 -11.25
N GLY D 78 23.03 15.93 -10.41
CA GLY D 78 24.46 15.88 -10.20
C GLY D 78 24.88 16.27 -8.80
N ALA D 79 24.03 15.98 -7.81
CA ALA D 79 24.28 16.39 -6.43
C ALA D 79 24.89 15.27 -5.59
N SER D 80 24.22 14.13 -5.50
CA SER D 80 24.66 13.04 -4.64
C SER D 80 25.59 12.12 -5.42
N ILE D 81 26.83 12.58 -5.59
CA ILE D 81 27.86 11.80 -6.29
C ILE D 81 28.44 10.79 -5.29
N SER D 82 28.30 9.52 -5.59
CA SER D 82 28.79 8.44 -4.73
C SER D 82 29.75 7.55 -5.50
N TYR D 83 30.74 7.01 -4.79
CA TYR D 83 31.81 6.22 -5.40
C TYR D 83 32.00 4.94 -4.62
N THR D 84 32.55 3.94 -5.30
CA THR D 84 33.02 2.73 -4.64
C THR D 84 34.40 2.97 -4.06
N GLY D 85 34.82 2.08 -3.15
CA GLY D 85 36.08 2.27 -2.45
C GLY D 85 37.27 2.34 -3.38
N SER D 86 37.33 1.43 -4.35
CA SER D 86 38.48 1.36 -5.25
C SER D 86 38.62 2.61 -6.11
N VAL D 87 37.52 3.34 -6.37
CA VAL D 87 37.59 4.53 -7.20
C VAL D 87 37.48 5.81 -6.40
N LYS D 88 37.45 5.72 -5.06
CA LYS D 88 37.39 6.91 -4.23
C LYS D 88 38.67 7.70 -4.38
N GLY D 89 38.55 8.97 -4.78
CA GLY D 89 39.70 9.82 -4.98
C GLY D 89 40.48 9.56 -6.24
N ARG D 90 39.98 8.73 -7.15
CA ARG D 90 40.67 8.40 -8.38
C ARG D 90 39.94 8.93 -9.61
N PHE D 91 38.67 8.57 -9.79
CA PHE D 91 37.90 8.99 -10.94
C PHE D 91 36.73 9.87 -10.50
N THR D 92 36.39 10.85 -11.33
CA THR D 92 35.34 11.80 -11.05
C THR D 92 34.20 11.65 -12.05
N ILE D 93 32.98 11.60 -11.54
CA ILE D 93 31.78 11.44 -12.36
C ILE D 93 31.26 12.82 -12.76
N SER D 94 30.82 12.92 -14.01
CA SER D 94 30.22 14.15 -14.52
C SER D 94 28.99 13.80 -15.33
N ARG D 95 27.95 14.63 -15.22
CA ARG D 95 26.68 14.42 -15.91
C ARG D 95 26.31 15.73 -16.61
N ASP D 96 26.57 15.80 -17.91
CA ASP D 96 26.19 16.96 -18.71
C ASP D 96 24.79 16.70 -19.27
N ASN D 97 23.79 17.38 -18.69
CA ASN D 97 22.42 17.16 -19.11
C ASN D 97 22.19 17.57 -20.56
N ALA D 98 22.62 18.77 -20.92
CA ALA D 98 22.40 19.29 -22.27
C ALA D 98 23.24 18.57 -23.31
N LYS D 99 24.25 17.81 -22.90
CA LYS D 99 25.10 17.07 -23.84
C LYS D 99 24.88 15.57 -23.77
N ASN D 100 23.88 15.12 -22.99
CA ASN D 100 23.50 13.72 -22.85
C ASN D 100 24.70 12.78 -22.82
N THR D 101 25.69 13.14 -22.00
CA THR D 101 26.89 12.34 -21.82
C THR D 101 27.16 12.16 -20.34
N LEU D 102 27.38 10.91 -19.92
CA LEU D 102 27.89 10.63 -18.58
C LEU D 102 29.41 10.77 -18.66
N TYR D 103 29.88 11.98 -18.40
CA TYR D 103 31.24 12.38 -18.77
C TYR D 103 32.24 11.99 -17.66
N LEU D 104 32.37 10.69 -17.45
CA LEU D 104 33.26 10.19 -16.42
C LEU D 104 34.72 10.52 -16.76
N GLN D 105 35.46 10.96 -15.76
CA GLN D 105 36.88 11.26 -15.90
C GLN D 105 37.67 10.26 -15.06
N MET D 106 38.58 9.55 -15.70
CA MET D 106 39.43 8.56 -15.03
C MET D 106 40.84 9.13 -14.94
N ASN D 107 41.23 9.52 -13.72
CA ASN D 107 42.55 10.09 -13.47
C ASN D 107 43.33 9.16 -12.55
N SER D 108 44.63 9.04 -12.81
CA SER D 108 45.52 8.15 -12.07
C SER D 108 45.00 6.71 -12.12
N LEU D 109 44.75 6.24 -13.34
CA LEU D 109 44.22 4.89 -13.54
C LEU D 109 45.25 3.84 -13.13
N LYS D 110 44.75 2.71 -12.64
CA LYS D 110 45.56 1.63 -12.11
C LYS D 110 45.24 0.34 -12.86
N PRO D 111 46.17 -0.64 -12.85
CA PRO D 111 45.91 -1.90 -13.55
C PRO D 111 44.91 -2.80 -12.82
N GLU D 112 44.22 -2.23 -11.81
CA GLU D 112 43.19 -3.00 -11.11
C GLU D 112 41.92 -3.11 -11.94
N ASP D 113 41.61 -2.11 -12.76
CA ASP D 113 40.31 -2.09 -13.44
C ASP D 113 40.31 -2.97 -14.68
N THR D 114 41.09 -2.60 -15.70
CA THR D 114 41.23 -3.34 -16.96
C THR D 114 39.90 -3.94 -17.41
N ALA D 115 38.87 -3.10 -17.49
CA ALA D 115 37.51 -3.59 -17.66
C ALA D 115 36.80 -2.87 -18.80
N VAL D 116 35.71 -3.48 -19.25
CA VAL D 116 34.80 -2.86 -20.21
C VAL D 116 33.73 -2.11 -19.44
N TYR D 117 33.54 -0.84 -19.78
CA TYR D 117 32.72 0.06 -18.98
C TYR D 117 31.37 0.30 -19.64
N TYR D 118 30.30 0.09 -18.89
CA TYR D 118 28.94 0.30 -19.35
C TYR D 118 28.32 1.47 -18.60
N CYS D 119 27.66 2.37 -19.33
CA CYS D 119 26.96 3.51 -18.75
C CYS D 119 25.52 3.07 -18.51
N ALA D 120 25.28 2.50 -17.32
CA ALA D 120 23.97 2.00 -16.99
C ALA D 120 23.04 3.16 -16.63
N ARG D 121 21.74 2.85 -16.62
CA ARG D 121 20.71 3.85 -16.38
C ARG D 121 19.70 3.30 -15.38
N CYS D 122 19.14 4.19 -14.57
CA CYS D 122 18.13 3.79 -13.60
C CYS D 122 16.91 3.23 -14.31
N PRO D 123 16.31 2.15 -13.80
CA PRO D 123 15.17 1.52 -14.50
C PRO D 123 13.97 2.45 -14.68
N ALA D 124 13.70 3.33 -13.73
CA ALA D 124 12.49 4.13 -13.76
C ALA D 124 12.83 5.61 -13.67
N PRO D 125 11.97 6.48 -14.21
CA PRO D 125 12.18 7.92 -14.09
C PRO D 125 11.59 8.48 -12.81
N PHE D 126 12.19 9.60 -12.37
CA PHE D 126 11.75 10.31 -11.17
C PHE D 126 11.73 9.40 -9.95
N THR D 127 12.79 8.60 -9.81
CA THR D 127 12.89 7.68 -8.69
C THR D 127 14.33 7.65 -8.20
N ARG D 128 14.50 7.17 -6.97
CA ARG D 128 15.80 7.19 -6.29
C ARG D 128 16.25 5.77 -5.94
N ASP D 129 15.96 4.81 -6.81
CA ASP D 129 16.35 3.42 -6.57
C ASP D 129 16.80 2.80 -7.90
N CYS D 130 18.06 2.38 -7.95
CA CYS D 130 18.58 1.62 -9.10
C CYS D 130 18.56 0.15 -8.70
N PHE D 131 17.41 -0.50 -8.92
CA PHE D 131 17.18 -1.82 -8.36
C PHE D 131 18.00 -2.88 -9.09
N ASP D 132 18.03 -2.84 -10.42
CA ASP D 132 18.68 -3.86 -11.22
C ASP D 132 19.59 -3.17 -12.24
N VAL D 133 20.88 -3.04 -11.89
CA VAL D 133 21.83 -2.36 -12.75
C VAL D 133 23.01 -3.28 -13.06
N THR D 134 23.31 -4.19 -12.15
CA THR D 134 24.45 -5.08 -12.27
C THR D 134 24.07 -6.49 -12.71
N SER D 135 22.85 -6.68 -13.20
CA SER D 135 22.39 -8.01 -13.57
C SER D 135 23.10 -8.50 -14.83
N THR D 136 23.00 -9.82 -15.05
CA THR D 136 23.65 -10.42 -16.21
C THR D 136 23.09 -9.85 -17.52
N THR D 137 21.77 -9.69 -17.60
CA THR D 137 21.12 -9.05 -18.73
C THR D 137 20.33 -7.85 -18.24
N TYR D 138 20.35 -6.78 -19.04
CA TYR D 138 19.69 -5.53 -18.67
C TYR D 138 19.50 -4.71 -19.93
N ALA D 139 18.27 -4.23 -20.15
CA ALA D 139 17.94 -3.58 -21.40
C ALA D 139 18.68 -2.26 -21.56
N TYR D 140 18.64 -1.41 -20.53
CA TYR D 140 19.20 -0.06 -20.63
C TYR D 140 20.60 -0.04 -20.05
N ARG D 141 21.50 -0.77 -20.71
CA ARG D 141 22.91 -0.77 -20.35
C ARG D 141 23.81 -0.32 -21.47
N GLY D 142 23.59 -0.80 -22.69
CA GLY D 142 24.37 -0.39 -23.84
C GLY D 142 25.67 -1.16 -23.97
N GLN D 143 26.29 -1.02 -25.14
CA GLN D 143 27.56 -1.67 -25.44
C GLN D 143 28.70 -0.79 -24.95
N GLY D 144 29.65 -1.39 -24.23
CA GLY D 144 30.73 -0.67 -23.60
C GLY D 144 31.94 -0.50 -24.50
N THR D 145 33.00 0.04 -23.92
CA THR D 145 34.28 0.21 -24.60
C THR D 145 35.38 -0.29 -23.69
N GLN D 146 36.21 -1.19 -24.20
CA GLN D 146 37.28 -1.78 -23.40
C GLN D 146 38.39 -0.77 -23.18
N VAL D 147 38.77 -0.58 -21.93
CA VAL D 147 39.85 0.32 -21.56
C VAL D 147 40.94 -0.53 -20.92
N THR D 148 41.96 -0.88 -21.70
CA THR D 148 43.02 -1.75 -21.23
C THR D 148 44.03 -0.97 -20.39
N VAL D 149 44.44 -1.55 -19.28
CA VAL D 149 45.38 -0.92 -18.38
C VAL D 149 46.00 -1.95 -17.43
N GLU E 7 -38.19 23.00 58.19
CA GLU E 7 -38.09 21.58 57.91
C GLU E 7 -37.11 21.31 56.78
N GLY E 8 -37.12 22.18 55.78
CA GLY E 8 -36.25 22.05 54.63
C GLY E 8 -34.90 22.70 54.85
N CYS E 9 -34.22 22.97 53.74
CA CYS E 9 -32.89 23.59 53.77
C CYS E 9 -32.93 24.83 52.90
N HIS E 10 -32.65 25.99 53.50
CA HIS E 10 -32.63 27.24 52.75
C HIS E 10 -31.34 27.36 51.97
N VAL E 11 -31.46 27.69 50.68
CA VAL E 11 -30.31 27.88 49.81
C VAL E 11 -30.50 29.15 49.00
N ASP E 12 -29.37 29.71 48.57
CA ASP E 12 -29.37 30.94 47.77
C ASP E 12 -27.98 31.14 47.19
N SER E 13 -27.91 31.48 45.90
CA SER E 13 -26.65 31.78 45.25
C SER E 13 -26.84 32.47 43.90
N ARG E 14 -26.23 33.63 43.72
CA ARG E 14 -26.16 34.25 42.40
C ARG E 14 -25.11 33.61 41.51
N VAL E 15 -24.15 32.93 42.12
CA VAL E 15 -23.17 32.15 41.35
C VAL E 15 -23.90 31.10 40.51
N ASP E 16 -24.90 30.45 41.10
CA ASP E 16 -25.72 29.52 40.32
C ASP E 16 -26.55 30.24 39.26
N HIS E 17 -26.82 31.52 39.45
CA HIS E 17 -27.60 32.27 38.47
C HIS E 17 -26.75 32.70 37.27
N LEU E 18 -25.44 32.88 37.47
CA LEU E 18 -24.57 33.39 36.41
C LEU E 18 -23.66 32.34 35.79
N PHE E 19 -22.98 31.54 36.62
CA PHE E 19 -21.89 30.71 36.12
C PHE E 19 -22.39 29.47 35.36
N PRO E 20 -23.31 28.66 35.89
CA PRO E 20 -23.73 27.46 35.15
C PRO E 20 -24.37 27.78 33.80
N PRO E 21 -25.28 28.76 33.71
CA PRO E 21 -25.80 29.07 32.37
C PRO E 21 -24.72 29.50 31.39
N SER E 22 -23.73 30.26 31.85
CA SER E 22 -22.68 30.72 30.94
C SER E 22 -21.82 29.56 30.46
N LEU E 23 -21.39 28.68 31.38
CA LEU E 23 -20.60 27.53 30.96
C LEU E 23 -21.38 26.60 30.05
N TYR E 24 -22.67 26.37 30.36
CA TYR E 24 -23.47 25.51 29.52
C TYR E 24 -23.69 26.12 28.14
N ILE E 25 -23.86 27.44 28.07
CA ILE E 25 -23.99 28.11 26.78
C ILE E 25 -22.71 27.96 25.97
N PHE E 26 -21.55 28.12 26.63
CA PHE E 26 -20.28 27.92 25.95
C PHE E 26 -20.18 26.49 25.41
N VAL E 27 -20.57 25.50 26.23
CA VAL E 27 -20.49 24.11 25.81
C VAL E 27 -21.39 23.86 24.61
N ILE E 28 -22.62 24.35 24.66
CA ILE E 28 -23.54 24.20 23.52
C ILE E 28 -22.95 24.85 22.28
N GLY E 29 -22.30 26.00 22.45
CA GLY E 29 -21.74 26.70 21.30
C GLY E 29 -20.58 25.96 20.65
N VAL E 30 -19.67 25.41 21.45
CA VAL E 30 -18.41 24.91 20.91
C VAL E 30 -18.42 23.39 20.74
N GLY E 31 -18.95 22.64 21.71
CA GLY E 31 -18.81 21.19 21.67
C GLY E 31 -19.69 20.49 20.67
N LEU E 32 -20.81 21.10 20.27
CA LEU E 32 -21.72 20.44 19.34
C LEU E 32 -21.07 20.20 17.98
N PRO E 33 -20.50 21.20 17.28
CA PRO E 33 -19.84 20.90 16.00
C PRO E 33 -18.64 19.99 16.16
N THR E 34 -17.86 20.16 17.23
CA THR E 34 -16.71 19.30 17.45
C THR E 34 -17.14 17.86 17.70
N ASN E 35 -18.21 17.65 18.46
CA ASN E 35 -18.71 16.30 18.70
C ASN E 35 -19.25 15.69 17.42
N CYS E 36 -19.91 16.49 16.58
CA CYS E 36 -20.36 15.98 15.28
C CYS E 36 -19.19 15.57 14.41
N LEU E 37 -18.12 16.38 14.39
CA LEU E 37 -16.93 16.03 13.63
C LEU E 37 -16.28 14.76 14.17
N ALA E 38 -16.24 14.61 15.49
CA ALA E 38 -15.70 13.40 16.09
C ALA E 38 -16.56 12.18 15.71
N LEU E 39 -17.88 12.36 15.67
CA LEU E 39 -18.76 11.28 15.23
C LEU E 39 -18.46 10.89 13.80
N TRP E 40 -18.28 11.86 12.92
CA TRP E 40 -17.97 11.56 11.53
C TRP E 40 -16.61 10.85 11.40
N ALA E 41 -15.61 11.31 12.16
CA ALA E 41 -14.31 10.67 12.14
C ALA E 41 -14.39 9.23 12.64
N ALA E 42 -15.16 9.00 13.70
CA ALA E 42 -15.33 7.65 14.22
C ALA E 42 -16.02 6.75 13.19
N TYR E 43 -17.05 7.27 12.51
CA TYR E 43 -17.72 6.48 11.48
C TYR E 43 -16.76 6.16 10.34
N ARG E 44 -15.91 7.12 9.97
CA ARG E 44 -14.92 6.86 8.94
C ARG E 44 -13.95 5.78 9.38
N GLN E 45 -13.55 5.78 10.65
CA GLN E 45 -12.68 4.74 11.17
C GLN E 45 -13.34 3.38 11.10
N VAL E 46 -14.62 3.29 11.48
CA VAL E 46 -15.34 2.02 11.37
C VAL E 46 -15.45 1.59 9.91
N GLN E 47 -15.53 2.55 8.99
CA GLN E 47 -15.52 2.20 7.57
C GLN E 47 -14.20 1.56 7.16
N GLN E 48 -13.12 1.82 7.91
CA GLN E 48 -11.82 1.23 7.65
C GLN E 48 -11.51 0.08 8.58
N ARG E 49 -12.54 -0.54 9.17
CA ARG E 49 -12.39 -1.68 10.07
C ARG E 49 -11.50 -1.34 11.27
N ASN E 50 -11.78 -0.20 11.89
CA ASN E 50 -11.08 0.24 13.09
C ASN E 50 -11.98 0.01 14.29
N GLU E 51 -11.48 -0.76 15.27
CA GLU E 51 -12.28 -1.08 16.44
C GLU E 51 -12.50 0.14 17.32
N LEU E 52 -11.52 1.04 17.41
CA LEU E 52 -11.68 2.24 18.21
C LEU E 52 -12.77 3.16 17.66
N GLY E 53 -13.12 3.00 16.39
CA GLY E 53 -14.14 3.85 15.81
C GLY E 53 -15.50 3.66 16.46
N VAL E 54 -15.85 2.43 16.80
CA VAL E 54 -17.13 2.17 17.46
C VAL E 54 -17.17 2.85 18.83
N TYR E 55 -16.08 2.74 19.59
CA TYR E 55 -16.03 3.37 20.90
C TYR E 55 -16.10 4.88 20.80
N LEU E 56 -15.38 5.47 19.84
CA LEU E 56 -15.45 6.91 19.63
C LEU E 56 -16.85 7.34 19.22
N MET E 57 -17.51 6.55 18.36
CA MET E 57 -18.87 6.85 17.94
C MET E 57 -19.83 6.83 19.12
N ASN E 58 -19.71 5.83 19.98
CA ASN E 58 -20.61 5.74 21.13
C ASN E 58 -20.36 6.88 22.12
N LEU E 59 -19.09 7.22 22.35
CA LEU E 59 -18.79 8.38 23.19
C LEU E 59 -19.37 9.65 22.59
N SER E 60 -19.27 9.79 21.27
CA SER E 60 -19.81 10.97 20.60
C SER E 60 -21.32 11.06 20.74
N ILE E 61 -22.03 9.93 20.58
CA ILE E 61 -23.49 9.99 20.68
C ILE E 61 -23.93 10.28 22.11
N ALA E 62 -23.22 9.73 23.10
CA ALA E 62 -23.53 10.05 24.50
C ALA E 62 -23.34 11.55 24.76
N ASP E 63 -22.19 12.08 24.35
CA ASP E 63 -21.96 13.51 24.51
C ASP E 63 -23.04 14.32 23.82
N LEU E 64 -23.37 13.95 22.58
CA LEU E 64 -24.35 14.70 21.80
C LEU E 64 -25.70 14.71 22.49
N LEU E 65 -26.10 13.58 23.09
CA LEU E 65 -27.31 13.58 23.90
C LEU E 65 -27.20 14.59 25.04
N TYR E 66 -26.03 14.64 25.68
CA TYR E 66 -25.85 15.60 26.78
C TYR E 66 -26.06 17.04 26.31
N ILE E 67 -25.41 17.44 25.21
CA ILE E 67 -25.61 18.83 24.77
C ILE E 67 -27.04 19.04 24.28
N CYS E 68 -27.66 18.02 23.68
CA CYS E 68 -29.03 18.17 23.21
C CYS E 68 -29.98 18.46 24.36
N THR E 69 -29.76 17.84 25.52
CA THR E 69 -30.59 18.13 26.69
C THR E 69 -30.08 19.29 27.52
N LEU E 70 -28.91 19.84 27.22
CA LEU E 70 -28.41 20.99 27.98
C LEU E 70 -29.35 22.20 28.03
N PRO E 71 -29.98 22.65 26.94
CA PRO E 71 -30.70 23.95 27.01
C PRO E 71 -31.79 24.02 28.07
N LEU E 72 -32.53 22.93 28.31
CA LEU E 72 -33.56 22.98 29.34
C LEU E 72 -32.96 23.16 30.73
N TRP E 73 -31.78 22.56 30.98
CA TRP E 73 -31.14 22.78 32.26
C TRP E 73 -30.51 24.17 32.34
N VAL E 74 -30.10 24.73 31.21
CA VAL E 74 -29.73 26.15 31.18
C VAL E 74 -30.89 27.00 31.66
N ASP E 75 -32.08 26.72 31.13
CA ASP E 75 -33.29 27.43 31.53
C ASP E 75 -33.57 27.22 33.02
N TYR E 76 -33.39 25.99 33.50
CA TYR E 76 -33.66 25.68 34.90
C TYR E 76 -32.74 26.47 35.83
N PHE E 77 -31.45 26.55 35.48
CA PHE E 77 -30.53 27.32 36.31
C PHE E 77 -30.76 28.82 36.20
N LEU E 78 -31.21 29.28 35.03
CA LEU E 78 -31.36 30.72 34.82
C LEU E 78 -32.48 31.29 35.68
N HIS E 79 -33.54 30.52 35.91
CA HIS E 79 -34.69 30.97 36.69
C HIS E 79 -34.50 30.79 38.20
N HIS E 80 -33.25 30.71 38.66
CA HIS E 80 -32.94 30.46 40.06
C HIS E 80 -33.57 29.14 40.53
N ASP E 81 -33.29 28.09 39.75
CA ASP E 81 -33.68 26.72 40.08
C ASP E 81 -35.19 26.57 40.17
N ASN E 82 -35.85 26.82 39.03
CA ASN E 82 -37.29 26.63 38.90
C ASN E 82 -37.57 25.91 37.60
N TRP E 83 -38.04 24.67 37.69
CA TRP E 83 -38.41 23.88 36.52
C TRP E 83 -39.86 24.18 36.17
N ILE E 84 -40.06 24.85 35.04
CA ILE E 84 -41.39 25.28 34.62
C ILE E 84 -41.73 24.63 33.28
N HIS E 85 -41.23 23.41 33.07
CA HIS E 85 -41.44 22.73 31.80
C HIS E 85 -42.25 21.44 31.95
N GLY E 86 -42.37 20.89 33.15
CA GLY E 86 -43.16 19.70 33.36
C GLY E 86 -42.41 18.59 34.06
N PRO E 87 -43.15 17.71 34.76
CA PRO E 87 -42.48 16.65 35.53
C PRO E 87 -41.93 15.52 34.68
N GLY E 88 -42.70 15.02 33.71
CA GLY E 88 -42.21 13.94 32.88
C GLY E 88 -41.04 14.35 32.02
N SER E 89 -41.13 15.54 31.40
CA SER E 89 -39.99 16.09 30.69
C SER E 89 -38.80 16.27 31.63
N CYS E 90 -39.07 16.65 32.88
CA CYS E 90 -38.00 16.72 33.87
C CYS E 90 -37.37 15.35 34.08
N LYS E 91 -38.19 14.30 34.18
CA LYS E 91 -37.66 12.95 34.35
C LYS E 91 -36.74 12.58 33.19
N LEU E 92 -37.22 12.72 31.96
CA LEU E 92 -36.43 12.30 30.80
C LEU E 92 -35.17 13.13 30.66
N PHE E 93 -35.30 14.45 30.77
CA PHE E 93 -34.15 15.32 30.54
C PHE E 93 -33.14 15.22 31.68
N GLY E 94 -33.59 14.94 32.91
CA GLY E 94 -32.64 14.66 33.97
C GLY E 94 -31.92 13.35 33.77
N PHE E 95 -32.64 12.32 33.35
CA PHE E 95 -32.00 11.04 33.09
C PHE E 95 -30.98 11.13 31.96
N ILE E 96 -31.18 12.05 31.02
CA ILE E 96 -30.20 12.20 29.95
C ILE E 96 -29.08 13.16 30.35
N PHE E 97 -29.41 14.22 31.11
CA PHE E 97 -28.41 15.17 31.57
C PHE E 97 -27.39 14.50 32.48
N TYR E 98 -27.88 13.80 33.51
CA TYR E 98 -27.02 12.86 34.21
C TYR E 98 -26.94 11.56 33.40
N THR E 99 -26.13 10.63 33.89
CA THR E 99 -25.92 9.30 33.32
C THR E 99 -25.12 9.39 32.02
N ASN E 100 -25.06 10.57 31.43
CA ASN E 100 -24.28 10.74 30.21
C ASN E 100 -22.82 11.00 30.51
N ILE E 101 -22.55 11.70 31.62
CA ILE E 101 -21.19 11.80 32.13
C ILE E 101 -20.61 10.42 32.35
N TYR E 102 -21.38 9.53 32.97
CA TYR E 102 -20.88 8.20 33.32
C TYR E 102 -20.75 7.32 32.09
N ILE E 103 -21.69 7.44 31.15
CA ILE E 103 -21.57 6.70 29.89
C ILE E 103 -20.32 7.14 29.13
N SER E 104 -20.07 8.45 29.08
CA SER E 104 -18.88 8.95 28.41
C SER E 104 -17.61 8.46 29.10
N ILE E 105 -17.61 8.45 30.44
CA ILE E 105 -16.45 7.95 31.16
C ILE E 105 -16.21 6.48 30.84
N ALA E 106 -17.29 5.69 30.78
CA ALA E 106 -17.16 4.27 30.45
C ALA E 106 -16.59 4.08 29.05
N PHE E 107 -17.04 4.89 28.09
CA PHE E 107 -16.50 4.74 26.74
C PHE E 107 -15.05 5.21 26.64
N LEU E 108 -14.67 6.22 27.42
CA LEU E 108 -13.25 6.58 27.51
C LEU E 108 -12.43 5.43 28.07
N CYS E 109 -12.96 4.76 29.09
CA CYS E 109 -12.27 3.60 29.64
C CYS E 109 -12.14 2.49 28.60
N CYS E 110 -13.20 2.28 27.81
CA CYS E 110 -13.14 1.27 26.74
C CYS E 110 -12.07 1.62 25.71
N ILE E 111 -11.98 2.90 25.34
CA ILE E 111 -10.95 3.35 24.41
C ILE E 111 -9.57 3.07 24.98
N SER E 112 -9.37 3.40 26.26
CA SER E 112 -8.07 3.18 26.89
C SER E 112 -7.72 1.70 26.93
N VAL E 113 -8.70 0.84 27.26
CA VAL E 113 -8.46 -0.59 27.32
C VAL E 113 -8.10 -1.14 25.94
N ASP E 114 -8.81 -0.70 24.91
CA ASP E 114 -8.48 -1.13 23.55
C ASP E 114 -7.07 -0.71 23.16
N ARG E 115 -6.71 0.54 23.46
CA ARG E 115 -5.38 1.01 23.13
C ARG E 115 -4.30 0.24 23.87
N TYR E 116 -4.54 -0.08 25.15
CA TYR E 116 -3.57 -0.88 25.90
C TYR E 116 -3.43 -2.27 25.31
N LEU E 117 -4.56 -2.95 25.07
CA LEU E 117 -4.51 -4.30 24.53
C LEU E 117 -3.87 -4.34 23.15
N ALA E 118 -3.89 -3.22 22.42
CA ALA E 118 -3.19 -3.18 21.14
C ALA E 118 -1.70 -2.91 21.32
N VAL E 119 -1.35 -1.75 21.88
CA VAL E 119 0.04 -1.32 21.91
C VAL E 119 0.87 -2.24 22.80
N ALA E 120 0.36 -2.58 23.98
CA ALA E 120 1.12 -3.44 24.89
C ALA E 120 1.30 -4.84 24.32
N HIS E 121 0.26 -5.38 23.68
CA HIS E 121 0.26 -6.75 23.15
C HIS E 121 -0.21 -6.72 21.70
N PRO E 122 0.67 -6.34 20.77
CA PRO E 122 0.26 -6.27 19.35
C PRO E 122 0.16 -7.61 18.65
N LEU E 123 0.70 -8.68 19.24
CA LEU E 123 0.69 -9.99 18.63
C LEU E 123 -0.08 -10.96 19.51
N ARG E 124 -1.27 -10.53 19.95
CA ARG E 124 -2.07 -11.23 20.94
C ARG E 124 -3.54 -11.00 20.58
N PHE E 125 -4.42 -11.16 21.57
CA PHE E 125 -5.86 -11.28 21.41
C PHE E 125 -6.40 -10.38 20.31
N ALA E 126 -7.09 -10.98 19.34
CA ALA E 126 -7.76 -10.25 18.28
C ALA E 126 -9.26 -10.51 18.24
N ARG E 127 -9.75 -11.53 18.94
CA ARG E 127 -11.20 -11.74 19.04
C ARG E 127 -11.87 -10.57 19.74
N LEU E 128 -11.24 -10.06 20.80
CA LEU E 128 -11.70 -8.87 21.50
C LEU E 128 -11.25 -7.58 20.83
N ARG E 129 -10.65 -7.66 19.65
CA ARG E 129 -10.28 -6.49 18.87
C ARG E 129 -10.92 -6.58 17.50
N ARG E 130 -12.22 -6.87 17.46
CA ARG E 130 -13.00 -6.94 16.24
C ARG E 130 -14.17 -5.97 16.34
N VAL E 131 -14.69 -5.55 15.18
CA VAL E 131 -15.78 -4.59 15.15
C VAL E 131 -17.04 -5.17 15.78
N LYS E 132 -17.28 -6.47 15.58
CA LYS E 132 -18.41 -7.12 16.22
C LYS E 132 -18.27 -7.08 17.73
N THR E 133 -17.08 -7.38 18.25
CA THR E 133 -16.85 -7.28 19.69
C THR E 133 -17.03 -5.85 20.17
N ALA E 134 -16.59 -4.88 19.37
CA ALA E 134 -16.75 -3.48 19.75
C ALA E 134 -18.22 -3.09 19.86
N VAL E 135 -19.05 -3.51 18.90
CA VAL E 135 -20.46 -3.16 18.95
C VAL E 135 -21.16 -3.89 20.09
N ALA E 136 -20.77 -5.15 20.35
CA ALA E 136 -21.34 -5.87 21.48
C ALA E 136 -21.00 -5.19 22.80
N VAL E 137 -19.74 -4.76 22.95
CA VAL E 137 -19.32 -4.09 24.18
C VAL E 137 -20.04 -2.75 24.32
N SER E 138 -20.20 -2.02 23.21
CA SER E 138 -20.91 -0.74 23.26
C SER E 138 -22.35 -0.92 23.70
N SER E 139 -23.04 -1.91 23.11
CA SER E 139 -24.43 -2.17 23.51
C SER E 139 -24.52 -2.59 24.97
N VAL E 140 -23.58 -3.45 25.41
CA VAL E 140 -23.59 -3.90 26.80
C VAL E 140 -23.38 -2.73 27.74
N VAL E 141 -22.43 -1.84 27.41
CA VAL E 141 -22.15 -0.69 28.26
C VAL E 141 -23.36 0.24 28.32
N TRP E 142 -23.97 0.52 27.18
CA TRP E 142 -25.16 1.37 27.15
C TRP E 142 -26.26 0.79 28.02
N ALA E 143 -26.58 -0.48 27.82
CA ALA E 143 -27.66 -1.12 28.57
C ALA E 143 -27.35 -1.15 30.06
N THR E 144 -26.12 -1.51 30.43
CA THR E 144 -25.76 -1.60 31.84
C THR E 144 -25.82 -0.24 32.52
N GLU E 145 -25.28 0.80 31.87
CA GLU E 145 -25.31 2.14 32.46
C GLU E 145 -26.74 2.64 32.61
N LEU E 146 -27.57 2.46 31.58
CA LEU E 146 -28.95 2.91 31.68
C LEU E 146 -29.71 2.16 32.76
N GLY E 147 -29.50 0.84 32.85
CA GLY E 147 -30.18 0.08 33.89
C GLY E 147 -29.73 0.46 35.29
N ALA E 148 -28.43 0.69 35.46
CA ALA E 148 -27.91 1.05 36.78
C ALA E 148 -28.29 2.46 37.18
N ASN E 149 -28.51 3.36 36.23
CA ASN E 149 -28.89 4.73 36.54
C ASN E 149 -30.38 5.00 36.39
N SER E 150 -31.18 3.98 36.05
CA SER E 150 -32.63 4.11 36.00
C SER E 150 -33.29 4.12 37.37
N ALA E 151 -32.50 4.15 38.45
CA ALA E 151 -33.09 4.20 39.79
C ALA E 151 -33.97 5.42 40.04
N PRO E 152 -33.59 6.64 39.69
CA PRO E 152 -34.48 7.78 39.94
C PRO E 152 -35.80 7.71 39.19
N LEU E 153 -35.84 7.11 38.01
CA LEU E 153 -37.06 7.10 37.22
C LEU E 153 -38.19 6.34 37.90
N PHE E 154 -37.88 5.45 38.84
CA PHE E 154 -38.91 4.75 39.58
C PHE E 154 -39.37 5.52 40.82
N HIS E 155 -38.62 6.53 41.24
CA HIS E 155 -39.03 7.43 42.30
C HIS E 155 -39.66 8.68 41.68
N ASP E 156 -39.92 9.69 42.51
CA ASP E 156 -40.52 10.94 42.06
C ASP E 156 -39.43 11.96 41.80
N GLU E 157 -39.70 12.89 40.89
CA GLU E 157 -38.86 14.05 40.65
C GLU E 157 -39.68 15.31 40.82
N LEU E 158 -39.05 16.46 40.56
CA LEU E 158 -39.69 17.76 40.69
C LEU E 158 -40.22 17.95 42.10
N PHE E 159 -39.32 18.02 43.08
CA PHE E 159 -39.67 18.31 44.47
C PHE E 159 -39.75 19.82 44.64
N ARG E 160 -40.95 20.34 44.87
CA ARG E 160 -41.09 21.75 45.16
C ARG E 160 -40.58 22.07 46.55
N ASP E 161 -40.03 23.29 46.67
CA ASP E 161 -39.45 23.74 47.97
C ASP E 161 -40.31 24.87 48.53
N ARG E 162 -40.46 24.91 49.85
CA ARG E 162 -41.35 25.87 50.49
C ARG E 162 -41.04 27.29 50.06
N TYR E 163 -39.81 27.55 49.63
CA TYR E 163 -39.41 28.86 49.15
C TYR E 163 -39.67 28.98 47.65
N ASN E 164 -39.03 29.97 47.04
CA ASN E 164 -39.32 30.15 45.59
C ASN E 164 -38.45 29.18 44.82
N HIS E 165 -38.62 27.90 45.08
CA HIS E 165 -37.75 26.90 44.45
C HIS E 165 -38.57 25.69 44.02
N THR E 166 -38.55 25.34 42.74
CA THR E 166 -39.17 24.09 42.25
C THR E 166 -38.13 23.30 41.47
N PHE E 167 -37.51 22.33 42.11
CA PHE E 167 -36.40 21.59 41.50
C PHE E 167 -36.77 20.62 40.37
N CYS E 168 -35.79 19.88 39.88
CA CYS E 168 -36.05 18.86 38.87
C CYS E 168 -35.51 17.50 39.30
N PHE E 169 -34.21 17.39 39.52
CA PHE E 169 -33.69 16.04 39.82
C PHE E 169 -32.94 16.06 41.13
N GLU E 170 -33.21 17.03 41.99
CA GLU E 170 -32.45 17.15 43.26
C GLU E 170 -33.25 17.80 44.40
N LYS E 171 -33.21 17.18 45.60
CA LYS E 171 -33.87 17.74 46.79
C LYS E 171 -32.78 18.11 47.78
N PHE E 172 -32.81 19.33 48.30
CA PHE E 172 -31.70 19.78 49.16
C PHE E 172 -31.79 19.01 50.46
N PRO E 173 -32.88 19.08 51.18
CA PRO E 173 -33.06 18.21 52.36
C PRO E 173 -32.58 16.79 52.10
N MET E 174 -32.70 16.32 50.86
CA MET E 174 -32.10 15.09 50.36
C MET E 174 -32.78 13.84 50.88
N GLU E 175 -32.89 12.83 50.03
CA GLU E 175 -33.43 11.53 50.38
C GLU E 175 -32.28 10.53 50.53
N GLY E 176 -32.56 9.45 51.28
CA GLY E 176 -31.54 8.44 51.47
C GLY E 176 -31.14 7.73 50.19
N TRP E 177 -32.14 7.40 49.35
CA TRP E 177 -31.85 6.66 48.13
C TRP E 177 -31.01 7.50 47.17
N VAL E 178 -31.28 8.80 47.08
CA VAL E 178 -30.47 9.64 46.20
C VAL E 178 -29.06 9.78 46.75
N ALA E 179 -28.89 9.73 48.06
CA ALA E 179 -27.54 9.78 48.63
C ALA E 179 -26.76 8.51 48.33
N TRP E 180 -27.41 7.35 48.47
CA TRP E 180 -26.73 6.10 48.12
C TRP E 180 -26.41 6.05 46.64
N MET E 181 -27.32 6.53 45.79
CA MET E 181 -27.06 6.59 44.36
C MET E 181 -25.91 7.55 44.07
N ASN E 182 -25.80 8.64 44.84
CA ASN E 182 -24.68 9.57 44.66
C ASN E 182 -23.36 8.91 45.02
N LEU E 183 -23.33 8.14 46.10
CA LEU E 183 -22.12 7.38 46.42
C LEU E 183 -21.77 6.41 45.30
N TYR E 184 -22.77 5.69 44.79
CA TYR E 184 -22.53 4.74 43.71
C TYR E 184 -21.98 5.46 42.48
N ARG E 185 -22.56 6.61 42.14
CA ARG E 185 -22.01 7.43 41.05
C ARG E 185 -20.56 7.76 41.34
N VAL E 186 -20.31 8.51 42.41
CA VAL E 186 -19.00 9.07 42.71
C VAL E 186 -17.93 8.00 42.67
N PHE E 187 -18.23 6.80 43.13
CA PHE E 187 -17.21 5.74 43.12
C PHE E 187 -17.20 4.99 41.79
N VAL E 188 -18.28 4.27 41.49
CA VAL E 188 -18.25 3.31 40.38
C VAL E 188 -18.21 4.04 39.04
N GLY E 189 -19.05 5.05 38.86
CA GLY E 189 -19.15 5.66 37.55
C GLY E 189 -18.05 6.65 37.23
N PHE E 190 -17.28 7.09 38.22
CA PHE E 190 -16.19 8.03 37.99
C PHE E 190 -14.82 7.45 38.28
N LEU E 191 -14.57 6.97 39.50
CA LEU E 191 -13.20 6.63 39.86
C LEU E 191 -12.75 5.33 39.21
N PHE E 192 -13.64 4.33 39.15
CA PHE E 192 -13.27 3.05 38.56
C PHE E 192 -12.85 3.16 37.09
N PRO E 193 -13.64 3.77 36.20
CA PRO E 193 -13.18 3.86 34.81
C PRO E 193 -12.04 4.83 34.63
N TRP E 194 -11.97 5.90 35.44
CA TRP E 194 -10.81 6.79 35.38
C TRP E 194 -9.54 6.07 35.82
N ALA E 195 -9.65 5.25 36.87
CA ALA E 195 -8.48 4.46 37.28
C ALA E 195 -8.07 3.48 36.20
N LEU E 196 -9.05 2.83 35.55
CA LEU E 196 -8.73 1.92 34.46
C LEU E 196 -8.06 2.65 33.31
N MET E 197 -8.54 3.85 32.99
CA MET E 197 -7.93 4.66 31.94
C MET E 197 -6.50 5.03 32.29
N LEU E 198 -6.26 5.43 33.53
CA LEU E 198 -4.91 5.78 33.96
C LEU E 198 -3.98 4.57 33.87
N LEU E 199 -4.44 3.41 34.31
CA LEU E 199 -3.62 2.20 34.22
C LEU E 199 -3.32 1.84 32.78
N SER E 200 -4.34 1.93 31.90
CA SER E 200 -4.14 1.59 30.50
C SER E 200 -3.14 2.52 29.85
N TYR E 201 -3.24 3.84 30.11
CA TYR E 201 -2.30 4.77 29.49
C TYR E 201 -0.91 4.67 30.10
N ARG E 202 -0.81 4.29 31.37
CA ARG E 202 0.50 4.01 31.95
C ARG E 202 1.15 2.82 31.25
N GLY E 203 0.39 1.75 31.02
CA GLY E 203 0.92 0.62 30.26
C GLY E 203 1.30 0.98 28.85
N ILE E 204 0.50 1.83 28.21
CA ILE E 204 0.82 2.29 26.86
C ILE E 204 2.13 3.07 26.86
N LEU E 205 2.31 3.96 27.85
CA LEU E 205 3.56 4.72 27.94
C LEU E 205 4.75 3.80 28.15
N ARG E 206 4.59 2.78 29.00
CA ARG E 206 5.67 1.81 29.19
C ARG E 206 6.01 1.10 27.87
N ALA E 207 4.99 0.68 27.14
CA ALA E 207 5.21 -0.02 25.88
C ALA E 207 5.90 0.89 24.86
N VAL E 208 5.48 2.14 24.79
CA VAL E 208 6.11 3.08 23.85
C VAL E 208 7.56 3.32 24.22
N ARG E 209 7.84 3.49 25.52
CA ARG E 209 9.23 3.63 25.95
C ARG E 209 10.05 2.39 25.61
N GLY E 210 9.42 1.22 25.61
CA GLY E 210 10.13 -0.01 25.29
C GLY E 210 10.41 -0.22 23.82
N SER E 211 9.84 0.59 22.95
CA SER E 211 10.02 0.40 21.51
C SER E 211 11.38 0.92 21.06
N VAL E 212 11.83 0.42 19.90
CA VAL E 212 13.13 0.78 19.34
C VAL E 212 12.94 1.68 18.13
N SER E 213 11.80 1.53 17.45
CA SER E 213 11.52 2.28 16.23
C SER E 213 10.93 3.66 16.51
N THR E 214 10.72 4.01 17.78
CA THR E 214 10.13 5.29 18.15
C THR E 214 11.23 6.27 18.54
N GLU E 215 11.15 7.48 17.99
CA GLU E 215 12.15 8.50 18.24
C GLU E 215 11.86 9.22 19.56
N ARG E 216 12.78 10.11 19.95
CA ARG E 216 12.62 10.85 21.20
C ARG E 216 11.41 11.77 21.16
N GLN E 217 11.17 12.43 20.03
CA GLN E 217 10.06 13.37 19.94
C GLN E 217 8.72 12.66 20.06
N GLU E 218 8.57 11.51 19.41
CA GLU E 218 7.28 10.80 19.43
C GLU E 218 6.95 10.30 20.82
N LYS E 219 7.95 9.80 21.57
CA LYS E 219 7.69 9.32 22.92
C LYS E 219 7.24 10.45 23.83
N ALA E 220 7.89 11.62 23.72
CA ALA E 220 7.47 12.78 24.52
C ALA E 220 6.07 13.24 24.12
N LYS E 221 5.76 13.22 22.82
CA LYS E 221 4.42 13.59 22.37
C LYS E 221 3.37 12.63 22.94
N ILE E 222 3.66 11.33 22.93
CA ILE E 222 2.73 10.36 23.48
C ILE E 222 2.57 10.54 24.98
N LYS E 223 3.67 10.86 25.67
CA LYS E 223 3.58 11.13 27.10
C LYS E 223 2.68 12.33 27.38
N ARG E 224 2.85 13.42 26.62
CA ARG E 224 2.01 14.59 26.81
C ARG E 224 0.55 14.26 26.54
N LEU E 225 0.27 13.52 25.46
CA LEU E 225 -1.11 13.17 25.14
C LEU E 225 -1.73 12.31 26.24
N ALA E 226 -0.99 11.31 26.73
CA ALA E 226 -1.51 10.45 27.78
C ALA E 226 -1.75 11.22 29.07
N LEU E 227 -0.81 12.10 29.44
CA LEU E 227 -1.00 12.90 30.65
C LEU E 227 -2.21 13.80 30.52
N SER E 228 -2.38 14.44 29.36
CA SER E 228 -3.56 15.28 29.14
C SER E 228 -4.83 14.47 29.25
N LEU E 229 -4.87 13.30 28.60
CA LEU E 229 -6.08 12.48 28.60
C LEU E 229 -6.44 12.03 30.00
N ILE E 230 -5.44 11.67 30.80
CA ILE E 230 -5.71 11.24 32.17
C ILE E 230 -6.17 12.41 33.02
N ALA E 231 -5.52 13.57 32.88
CA ALA E 231 -5.71 14.66 33.84
C ALA E 231 -6.88 15.57 33.53
N ILE E 232 -7.33 15.66 32.27
CA ILE E 232 -8.38 16.63 31.99
C ILE E 232 -9.72 16.13 32.53
N VAL E 233 -9.95 14.82 32.49
CA VAL E 233 -11.14 14.25 33.11
C VAL E 233 -11.16 14.59 34.59
N LEU E 234 -10.01 14.48 35.26
CA LEU E 234 -9.93 14.86 36.67
C LEU E 234 -10.26 16.34 36.85
N VAL E 235 -9.59 17.22 36.10
CA VAL E 235 -9.76 18.65 36.29
C VAL E 235 -11.18 19.09 35.96
N CYS E 236 -11.92 18.30 35.18
CA CYS E 236 -13.29 18.66 34.83
C CYS E 236 -14.34 18.02 35.73
N PHE E 237 -14.07 16.86 36.34
CA PHE E 237 -15.07 16.12 37.09
C PHE E 237 -14.80 16.06 38.60
N ALA E 238 -13.54 16.03 39.02
CA ALA E 238 -13.22 15.78 40.41
C ALA E 238 -13.87 16.74 41.39
N PRO E 239 -13.90 18.06 41.17
CA PRO E 239 -14.60 18.92 42.14
C PRO E 239 -16.06 18.57 42.33
N TYR E 240 -16.77 18.24 41.24
CA TYR E 240 -18.18 17.93 41.34
C TYR E 240 -18.40 16.67 42.17
N HIS E 241 -17.63 15.62 41.90
CA HIS E 241 -17.81 14.37 42.65
C HIS E 241 -17.32 14.51 44.08
N VAL E 242 -16.31 15.34 44.32
CA VAL E 242 -15.86 15.60 45.68
C VAL E 242 -16.96 16.26 46.49
N LEU E 243 -17.59 17.29 45.91
CA LEU E 243 -18.68 17.96 46.60
C LEU E 243 -19.88 17.04 46.77
N LEU E 244 -20.17 16.20 45.77
CA LEU E 244 -21.25 15.23 45.90
C LEU E 244 -21.00 14.28 47.05
N LEU E 245 -19.78 13.74 47.14
CA LEU E 245 -19.43 12.84 48.22
C LEU E 245 -19.53 13.54 49.58
N SER E 246 -19.08 14.80 49.65
CA SER E 246 -19.15 15.54 50.91
C SER E 246 -20.60 15.74 51.36
N ARG E 247 -21.45 16.21 50.44
CA ARG E 247 -22.86 16.42 50.78
C ARG E 247 -23.52 15.12 51.21
N SER E 248 -23.29 14.04 50.48
CA SER E 248 -23.92 12.77 50.84
C SER E 248 -23.41 12.28 52.19
N ALA E 249 -22.10 12.38 52.44
CA ALA E 249 -21.53 11.87 53.67
C ALA E 249 -22.10 12.61 54.87
N ILE E 250 -22.18 13.94 54.80
CA ILE E 250 -22.73 14.68 55.94
C ILE E 250 -24.26 14.62 55.99
N TYR E 251 -24.93 14.36 54.87
CA TYR E 251 -26.36 14.13 54.93
C TYR E 251 -26.67 12.86 55.72
N LEU E 252 -25.96 11.77 55.43
CA LEU E 252 -26.08 10.60 56.30
C LEU E 252 -25.59 10.91 57.71
N GLY E 253 -24.62 11.81 57.85
CA GLY E 253 -24.23 12.26 59.17
C GLY E 253 -25.32 13.01 59.89
N ARG E 254 -25.94 13.97 59.20
CA ARG E 254 -26.99 14.81 59.78
C ARG E 254 -28.00 15.17 58.72
N PRO E 255 -29.08 14.39 58.59
CA PRO E 255 -30.13 14.76 57.63
C PRO E 255 -30.78 16.09 57.91
N TRP E 256 -30.88 16.48 59.19
CA TRP E 256 -31.55 17.72 59.55
C TRP E 256 -30.70 18.95 59.23
N ASP E 257 -29.38 18.78 59.15
CA ASP E 257 -28.48 19.92 59.00
C ASP E 257 -28.70 20.62 57.66
N CYS E 258 -28.43 21.93 57.65
CA CYS E 258 -28.63 22.76 56.46
C CYS E 258 -27.46 23.69 56.15
N GLY E 259 -26.61 24.01 57.12
CA GLY E 259 -25.55 24.97 56.87
C GLY E 259 -24.58 24.53 55.79
N PHE E 260 -24.28 23.22 55.75
CA PHE E 260 -23.37 22.69 54.74
C PHE E 260 -23.94 22.99 53.35
N GLU E 261 -25.18 22.59 53.10
CA GLU E 261 -25.81 22.86 51.81
C GLU E 261 -25.94 24.36 51.56
N GLU E 262 -26.32 25.10 52.61
CA GLU E 262 -26.44 26.56 52.51
C GLU E 262 -25.16 27.17 51.96
N ARG E 263 -24.01 26.69 52.40
CA ARG E 263 -22.74 27.27 51.95
C ARG E 263 -22.32 26.72 50.59
N VAL E 264 -22.47 25.42 50.35
CA VAL E 264 -21.87 24.80 49.18
C VAL E 264 -22.87 24.71 48.03
N PHE E 265 -23.98 25.44 48.15
CA PHE E 265 -24.87 25.62 47.00
C PHE E 265 -24.10 26.11 45.77
N SER E 266 -23.32 27.15 46.00
CA SER E 266 -22.57 27.74 44.88
C SER E 266 -21.63 26.67 44.34
N ALA E 267 -20.92 26.01 45.24
CA ALA E 267 -19.99 24.96 44.83
C ALA E 267 -20.71 23.86 44.05
N TYR E 268 -21.72 23.21 44.63
CA TYR E 268 -22.35 22.06 43.93
C TYR E 268 -22.85 22.48 42.55
N HIS E 269 -23.37 23.67 42.38
CA HIS E 269 -23.97 23.99 41.07
C HIS E 269 -22.95 24.69 40.18
N SER E 270 -21.77 25.01 40.72
CA SER E 270 -20.71 25.66 39.90
C SER E 270 -19.71 24.58 39.53
N SER E 271 -19.89 23.41 40.09
CA SER E 271 -19.04 22.27 39.72
C SER E 271 -19.82 21.38 38.77
N LEU E 272 -21.13 21.60 38.66
CA LEU E 272 -21.94 20.83 37.69
C LEU E 272 -21.75 21.59 36.40
N ALA E 273 -21.58 22.89 36.49
CA ALA E 273 -21.26 23.62 35.27
C ALA E 273 -19.92 23.17 34.70
N PHE E 274 -18.92 23.02 35.57
CA PHE E 274 -17.58 22.63 35.12
C PHE E 274 -17.60 21.25 34.45
N THR E 275 -18.43 20.35 34.95
CA THR E 275 -18.46 18.98 34.44
C THR E 275 -18.76 18.94 32.94
N SER E 276 -19.57 19.88 32.44
CA SER E 276 -19.98 19.86 31.05
C SER E 276 -18.84 20.16 30.08
N LEU E 277 -17.68 20.62 30.56
CA LEU E 277 -16.58 20.95 29.66
C LEU E 277 -15.98 19.72 29.00
N ASN E 278 -16.17 18.54 29.57
CA ASN E 278 -15.67 17.33 28.92
C ASN E 278 -16.41 17.03 27.63
N CYS E 279 -17.63 17.53 27.47
CA CYS E 279 -18.38 17.31 26.23
C CYS E 279 -17.69 17.95 25.03
N VAL E 280 -17.03 19.09 25.23
CA VAL E 280 -16.19 19.65 24.18
C VAL E 280 -14.75 19.15 24.26
N ALA E 281 -14.31 18.73 25.44
CA ALA E 281 -12.95 18.22 25.59
C ALA E 281 -12.74 16.94 24.79
N ASP E 282 -13.69 16.01 24.86
CA ASP E 282 -13.52 14.70 24.23
C ASP E 282 -13.30 14.77 22.73
N PRO E 283 -14.08 15.52 21.95
CA PRO E 283 -13.78 15.57 20.50
C PRO E 283 -12.44 16.21 20.18
N ILE E 284 -12.18 17.42 20.69
CA ILE E 284 -10.93 18.11 20.37
C ILE E 284 -9.69 17.39 20.89
N LEU E 285 -9.86 16.35 21.71
CA LEU E 285 -8.75 15.57 22.23
C LEU E 285 -8.61 14.21 21.56
N TYR E 286 -9.71 13.57 21.19
CA TYR E 286 -9.66 12.24 20.63
C TYR E 286 -9.74 12.22 19.10
N CYS E 287 -10.16 13.31 18.47
CA CYS E 287 -10.20 13.38 17.02
C CYS E 287 -9.36 14.53 16.47
N LEU E 288 -9.49 15.73 17.03
CA LEU E 288 -8.81 16.89 16.46
C LEU E 288 -7.31 16.87 16.75
N VAL E 289 -6.90 16.27 17.86
CA VAL E 289 -5.48 16.30 18.23
C VAL E 289 -4.64 15.53 17.22
N ASN E 290 -5.10 14.35 16.80
CA ASN E 290 -4.33 13.54 15.87
C ASN E 290 -4.23 14.23 14.52
N GLU E 291 -3.02 14.25 13.96
CA GLU E 291 -2.80 14.94 12.69
C GLU E 291 -3.54 14.28 11.54
N GLY E 292 -3.53 12.94 11.49
CA GLY E 292 -4.26 12.25 10.45
C GLY E 292 -5.76 12.48 10.53
N ALA E 293 -6.32 12.38 11.74
CA ALA E 293 -7.74 12.65 11.90
C ALA E 293 -8.07 14.12 11.68
N ARG E 294 -7.14 15.02 12.01
CA ARG E 294 -7.34 16.43 11.69
C ARG E 294 -7.41 16.65 10.19
N SER E 295 -6.52 16.00 9.44
CA SER E 295 -6.57 16.10 7.99
C SER E 295 -7.85 15.50 7.43
N ASP E 296 -8.30 14.38 8.01
CA ASP E 296 -9.56 13.78 7.57
C ASP E 296 -10.73 14.72 7.82
N VAL E 297 -10.75 15.38 8.98
CA VAL E 297 -11.81 16.34 9.29
C VAL E 297 -11.77 17.51 8.32
N ALA E 298 -10.56 18.02 8.03
CA ALA E 298 -10.42 19.11 7.08
C ALA E 298 -10.92 18.69 5.70
N LYS E 299 -10.65 17.44 5.31
CA LYS E 299 -11.21 16.92 4.05
C LYS E 299 -12.73 16.88 4.11
#